data_7Y4P
#
_entry.id   7Y4P
#
_cell.length_a   224.774
_cell.length_b   224.774
_cell.length_c   205.040
_cell.angle_alpha   90.00
_cell.angle_beta   90.00
_cell.angle_gamma   90.00
#
_symmetry.space_group_name_H-M   'I 4 2 2'
#
loop_
_entity.id
_entity.type
_entity.pdbx_description
1 polymer Plexin-A1
2 branched 2-acetamido-2-deoxy-beta-D-glucopyranose-(1-4)-2-acetamido-2-deoxy-beta-D-glucopyranose
3 non-polymer 2-acetamido-2-deoxy-beta-D-glucopyranose
#
_entity_poly.entity_id   1
_entity_poly.type   'polypeptide(L)'
_entity_poly.pdbx_seq_one_letter_code
;GREAGLPRAGGGSQPPFRTFSASDWGLTHLVVHEQTGEVYVGAVNRIYKLSGNLTLLRAHVTGPVEDNEKCYPPPSVQSC
PHGLGSTDNVNKLLLLDYAANRLLACGSASQGICQFLRLDDLFKLGEPHHRKEHYLSSVQEAGSMAGVLIAGPPGQGQAK
LFVGTPIDGKSEYFPTLSSRRLMANEEDADMFGFVYQDEFVSSQLKIPSDTLSKFPAFDIYYVYSFRSEQFVYYLTLQLD
TQLTSPDAAGEHFFTSKIVRLCVDDPKFYSYVEFPIGCEQAGVEYRLVQDAYLSRPGRALAHQLGLAEDEDVLFTVFAQG
QKNRVKPPKESALCLFTLRAIKEKIKERIQSCYRGEGKLSLPWLLNKELGCINSPLQIDDDFCGQDFNQPLGGTVTIEGT
PLFVDKDDGLTAVAAYDYRGRTVVFAGTRSGRIRKILVDLSNPGGRPALAYESVVAQEGSPILRDLVLSPNHQYLYAMTE
KQVTRVPVESCVQYTSCELCLGSRDPHCGWCVLHSICSRRDACERADEPQRFAADLLQCVQLTVQPRNVSVTMSQVPLVL
QAWNVPDLSAGVNCSFEDFTESESVLEDGRIHCRSPSAREVAPITRGQGDQRVVKLYLKSKETGKKFASVDFVFYNCSVH
QSCLSCVNGSFPCHWCKYRHVCTHNVADCAFLEGRVNVSEDCPQSRLENLYFQ
;
_entity_poly.pdbx_strand_id   A
#
# COMPACT_ATOMS: atom_id res chain seq x y z
N GLN A 14 -0.05 12.98 12.18
CA GLN A 14 -0.91 13.68 13.13
C GLN A 14 -1.96 14.61 12.50
N PRO A 15 -1.58 15.45 11.52
CA PRO A 15 -2.58 16.32 10.89
C PRO A 15 -3.62 15.51 10.14
N PRO A 16 -4.78 16.09 9.83
CA PRO A 16 -5.83 15.34 9.14
C PRO A 16 -5.46 15.09 7.68
N PHE A 17 -6.19 14.16 7.09
CA PHE A 17 -5.88 13.68 5.74
C PHE A 17 -6.39 14.68 4.70
N ARG A 18 -5.48 15.20 3.89
CA ARG A 18 -5.85 16.00 2.73
C ARG A 18 -6.91 15.27 1.93
N THR A 19 -8.07 15.90 1.75
CA THR A 19 -9.22 15.19 1.23
C THR A 19 -9.83 15.93 0.05
N PHE A 20 -10.44 15.16 -0.84
CA PHE A 20 -11.19 15.69 -1.98
C PHE A 20 -12.46 14.83 -2.13
N SER A 21 -13.59 15.37 -1.68
CA SER A 21 -14.85 14.67 -1.83
C SER A 21 -15.42 14.95 -3.22
N ALA A 22 -16.55 14.32 -3.54
CA ALA A 22 -17.12 14.40 -4.88
C ALA A 22 -18.48 15.07 -4.84
N SER A 23 -18.93 15.51 -6.02
CA SER A 23 -20.26 16.08 -6.20
C SER A 23 -21.30 14.98 -6.00
N ASP A 24 -22.30 14.93 -6.87
CA ASP A 24 -23.29 13.86 -6.81
C ASP A 24 -22.81 12.57 -7.45
N TRP A 25 -21.58 12.54 -7.97
CA TRP A 25 -21.09 11.47 -8.82
C TRP A 25 -19.88 10.79 -8.19
N GLY A 26 -19.77 9.47 -8.40
CA GLY A 26 -18.74 8.66 -7.79
C GLY A 26 -17.54 8.42 -8.68
N LEU A 27 -16.42 8.05 -8.04
CA LEU A 27 -15.13 7.91 -8.69
C LEU A 27 -14.86 6.47 -9.11
N THR A 28 -13.97 6.31 -10.09
CA THR A 28 -13.72 5.00 -10.70
C THR A 28 -12.23 4.73 -10.88
N HIS A 29 -11.49 5.69 -11.41
CA HIS A 29 -10.08 5.50 -11.72
C HIS A 29 -9.27 6.73 -11.34
N LEU A 30 -8.01 6.50 -10.96
CA LEU A 30 -7.09 7.56 -10.63
C LEU A 30 -5.75 7.25 -11.27
N VAL A 31 -4.98 8.30 -11.57
CA VAL A 31 -3.61 8.13 -12.04
C VAL A 31 -2.88 9.44 -11.78
N VAL A 32 -1.57 9.35 -11.56
CA VAL A 32 -0.75 10.49 -11.16
C VAL A 32 0.29 10.76 -12.23
N HIS A 33 0.36 12.02 -12.68
CA HIS A 33 1.42 12.50 -13.55
C HIS A 33 2.77 12.30 -12.87
N GLU A 34 3.66 11.55 -13.52
CA GLU A 34 4.90 11.14 -12.89
C GLU A 34 5.81 12.32 -12.57
N GLN A 35 5.68 13.42 -13.31
CA GLN A 35 6.55 14.58 -13.13
C GLN A 35 5.86 15.73 -12.41
N THR A 36 4.73 16.19 -12.91
CA THR A 36 4.03 17.31 -12.25
C THR A 36 3.38 16.88 -10.95
N GLY A 37 3.26 15.59 -10.68
CA GLY A 37 2.60 15.16 -9.47
C GLY A 37 1.14 15.51 -9.36
N GLU A 38 0.55 16.10 -10.40
CA GLU A 38 -0.89 16.35 -10.41
C GLU A 38 -1.65 15.04 -10.48
N VAL A 39 -2.91 15.08 -10.07
CA VAL A 39 -3.71 13.87 -9.87
C VAL A 39 -4.96 13.95 -10.74
N TYR A 40 -5.01 13.14 -11.79
CA TYR A 40 -6.18 13.09 -12.68
C TYR A 40 -7.08 11.94 -12.24
N VAL A 41 -8.37 12.23 -12.05
CA VAL A 41 -9.31 11.30 -11.46
C VAL A 41 -10.48 11.11 -12.42
N GLY A 42 -10.68 9.88 -12.88
CA GLY A 42 -11.82 9.55 -13.70
C GLY A 42 -13.01 9.13 -12.86
N ALA A 43 -14.21 9.45 -13.34
CA ALA A 43 -15.42 9.22 -12.57
C ALA A 43 -16.62 9.25 -13.50
N VAL A 44 -17.80 8.95 -12.91
CA VAL A 44 -19.04 9.00 -13.66
C VAL A 44 -19.30 10.43 -14.14
N ASN A 45 -19.55 10.57 -15.43
CA ASN A 45 -19.98 11.83 -16.04
C ASN A 45 -18.91 12.91 -16.01
N ARG A 46 -17.92 12.78 -15.12
CA ARG A 46 -16.94 13.84 -14.92
C ARG A 46 -15.54 13.26 -14.94
N ILE A 47 -14.56 14.14 -15.19
CA ILE A 47 -13.15 13.78 -15.19
C ILE A 47 -12.40 14.94 -14.51
N TYR A 48 -12.15 14.82 -13.21
CA TYR A 48 -11.52 15.91 -12.46
C TYR A 48 -10.01 15.81 -12.55
N LYS A 49 -9.35 16.96 -12.58
CA LYS A 49 -7.89 17.06 -12.44
C LYS A 49 -7.59 17.83 -11.16
N LEU A 50 -6.86 17.19 -10.25
CA LEU A 50 -6.49 17.76 -8.96
C LEU A 50 -4.98 18.00 -8.89
N SER A 51 -4.57 18.67 -7.82
CA SER A 51 -3.17 19.00 -7.61
C SER A 51 -2.57 18.08 -6.54
N GLY A 52 -1.33 18.40 -6.16
CA GLY A 52 -0.58 17.50 -5.29
C GLY A 52 -1.29 17.20 -3.98
N ASN A 53 -2.03 18.18 -3.46
CA ASN A 53 -2.77 18.03 -2.21
C ASN A 53 -4.27 17.92 -2.44
N LEU A 54 -4.68 17.32 -3.56
CA LEU A 54 -6.10 17.10 -3.86
C LEU A 54 -6.90 18.40 -3.83
N THR A 55 -6.32 19.46 -4.40
CA THR A 55 -7.03 20.71 -4.64
C THR A 55 -7.51 20.73 -6.08
N LEU A 56 -8.79 21.05 -6.27
CA LEU A 56 -9.39 20.92 -7.60
C LEU A 56 -8.84 21.98 -8.54
N LEU A 57 -8.45 21.56 -9.74
CA LEU A 57 -7.84 22.44 -10.72
C LEU A 57 -8.79 22.73 -11.87
N ARG A 58 -9.11 21.73 -12.69
CA ARG A 58 -10.12 21.84 -13.72
C ARG A 58 -11.04 20.62 -13.63
N ALA A 59 -12.29 20.80 -14.02
CA ALA A 59 -13.30 19.74 -13.97
C ALA A 59 -14.01 19.67 -15.31
N HIS A 60 -13.91 18.51 -15.97
CA HIS A 60 -14.47 18.32 -17.31
C HIS A 60 -15.66 17.37 -17.23
N VAL A 61 -16.81 17.83 -17.74
CA VAL A 61 -18.06 17.09 -17.66
C VAL A 61 -18.25 16.29 -18.94
N THR A 62 -18.73 15.04 -18.80
CA THR A 62 -18.93 14.16 -19.94
C THR A 62 -20.28 13.44 -19.88
N GLY A 63 -21.22 13.91 -19.08
CA GLY A 63 -22.49 13.26 -18.95
C GLY A 63 -23.41 13.89 -17.92
N PRO A 64 -24.65 13.39 -17.82
CA PRO A 64 -25.19 12.28 -18.62
C PRO A 64 -25.44 12.66 -20.08
N VAL A 65 -25.59 11.67 -20.95
CA VAL A 65 -25.80 11.90 -22.36
C VAL A 65 -27.06 11.15 -22.79
N GLU A 66 -27.66 11.61 -23.89
CA GLU A 66 -28.77 10.91 -24.52
C GLU A 66 -28.22 9.69 -25.25
N ASP A 67 -28.57 8.50 -24.77
CA ASP A 67 -28.04 7.27 -25.35
C ASP A 67 -28.81 6.07 -24.81
N ASN A 68 -28.78 4.99 -25.59
CA ASN A 68 -29.20 3.67 -25.15
C ASN A 68 -28.08 2.70 -25.48
N GLU A 69 -27.93 1.66 -24.65
CA GLU A 69 -26.90 0.67 -24.90
C GLU A 69 -27.16 -0.12 -26.17
N LYS A 70 -28.39 -0.09 -26.69
CA LYS A 70 -28.78 -0.86 -27.86
C LYS A 70 -28.46 -0.16 -29.18
N CYS A 71 -27.91 1.06 -29.13
CA CYS A 71 -27.69 1.85 -30.35
C CYS A 71 -26.29 1.58 -30.89
N TYR A 72 -26.20 0.67 -31.85
CA TYR A 72 -24.96 0.45 -32.58
C TYR A 72 -25.19 0.73 -34.06
N PRO A 73 -24.57 1.78 -34.64
CA PRO A 73 -23.73 2.81 -34.02
C PRO A 73 -24.54 3.72 -33.10
N PRO A 74 -23.88 4.62 -32.37
CA PRO A 74 -24.60 5.52 -31.46
C PRO A 74 -25.49 6.50 -32.22
N PRO A 75 -26.42 7.17 -31.54
CA PRO A 75 -27.31 8.12 -32.24
C PRO A 75 -26.58 9.29 -32.87
N SER A 76 -25.35 9.57 -32.48
CA SER A 76 -24.61 10.69 -33.04
C SER A 76 -24.02 10.39 -34.42
N VAL A 77 -24.30 9.22 -35.00
CA VAL A 77 -23.81 8.89 -36.34
C VAL A 77 -24.98 8.47 -37.21
N GLN A 78 -25.79 7.53 -36.70
CA GLN A 78 -26.94 7.02 -37.43
C GLN A 78 -28.13 6.95 -36.48
N SER A 79 -29.32 7.13 -37.05
CA SER A 79 -30.56 7.08 -36.28
C SER A 79 -30.71 5.71 -35.62
N CYS A 80 -31.52 5.66 -34.56
CA CYS A 80 -31.60 4.47 -33.74
C CYS A 80 -33.01 4.22 -33.27
N PRO A 81 -33.48 2.96 -33.25
CA PRO A 81 -34.91 2.69 -33.07
C PRO A 81 -35.42 2.58 -31.64
N HIS A 82 -34.77 1.78 -30.78
CA HIS A 82 -35.42 1.38 -29.53
C HIS A 82 -35.68 2.53 -28.57
N GLY A 83 -35.25 3.74 -28.87
CA GLY A 83 -35.54 4.88 -28.01
C GLY A 83 -34.36 5.26 -27.15
N LEU A 84 -34.22 6.57 -26.89
CA LEU A 84 -33.09 7.10 -26.16
C LEU A 84 -33.47 7.40 -24.71
N GLY A 85 -32.66 8.20 -24.03
CA GLY A 85 -32.83 8.52 -22.64
C GLY A 85 -31.52 8.93 -22.00
N SER A 86 -31.56 9.84 -21.03
CA SER A 86 -30.35 10.34 -20.41
C SER A 86 -29.73 9.26 -19.53
N THR A 87 -28.47 8.92 -19.82
CA THR A 87 -27.78 7.85 -19.10
C THR A 87 -26.37 8.31 -18.75
N ASP A 88 -25.83 7.75 -17.67
CA ASP A 88 -24.55 8.17 -17.13
C ASP A 88 -23.39 7.60 -17.93
N ASN A 89 -22.33 8.39 -18.07
CA ASN A 89 -21.16 8.04 -18.89
C ASN A 89 -19.99 7.71 -17.95
N VAL A 90 -19.87 6.44 -17.59
CA VAL A 90 -18.86 6.01 -16.63
C VAL A 90 -17.52 5.91 -17.33
N ASN A 91 -16.49 6.51 -16.74
CA ASN A 91 -15.12 6.40 -17.24
C ASN A 91 -14.57 5.03 -16.88
N LYS A 92 -14.27 4.22 -17.89
CA LYS A 92 -13.83 2.84 -17.66
C LYS A 92 -12.32 2.71 -17.62
N LEU A 93 -11.60 3.54 -18.38
CA LEU A 93 -10.16 3.47 -18.45
C LEU A 93 -9.59 4.88 -18.51
N LEU A 94 -8.36 5.03 -18.03
CA LEU A 94 -7.74 6.34 -17.88
C LEU A 94 -6.23 6.19 -17.95
N LEU A 95 -5.60 6.83 -18.93
CA LEU A 95 -4.15 6.71 -19.14
C LEU A 95 -3.61 8.06 -19.55
N LEU A 96 -2.31 8.26 -19.33
CA LEU A 96 -1.63 9.49 -19.70
C LEU A 96 -0.72 9.25 -20.89
N ASP A 97 -0.81 10.13 -21.89
CA ASP A 97 0.11 10.14 -23.02
C ASP A 97 1.07 11.29 -22.78
N TYR A 98 2.09 11.04 -21.95
CA TYR A 98 3.06 12.07 -21.61
C TYR A 98 3.73 12.63 -22.87
N ALA A 99 3.99 11.77 -23.86
CA ALA A 99 4.64 12.22 -25.08
C ALA A 99 3.79 13.26 -25.81
N ALA A 100 2.47 13.08 -25.80
CA ALA A 100 1.56 13.96 -26.53
C ALA A 100 0.84 14.95 -25.62
N ASN A 101 1.21 15.00 -24.33
CA ASN A 101 0.69 15.99 -23.38
C ASN A 101 -0.83 16.02 -23.37
N ARG A 102 -1.44 14.84 -23.27
CA ARG A 102 -2.89 14.73 -23.23
C ARG A 102 -3.25 13.60 -22.27
N LEU A 103 -4.54 13.26 -22.23
CA LEU A 103 -5.03 12.23 -21.33
C LEU A 103 -6.16 11.50 -22.03
N LEU A 104 -6.18 10.18 -21.92
CA LEU A 104 -7.18 9.35 -22.60
C LEU A 104 -8.17 8.85 -21.55
N ALA A 105 -9.40 9.34 -21.62
CA ALA A 105 -10.47 8.93 -20.72
C ALA A 105 -11.55 8.26 -21.54
N CYS A 106 -11.66 6.94 -21.41
CA CYS A 106 -12.63 6.16 -22.17
C CYS A 106 -13.91 5.99 -21.36
N GLY A 107 -15.04 6.41 -21.94
CA GLY A 107 -16.31 6.35 -21.26
C GLY A 107 -17.08 5.08 -21.57
N SER A 108 -18.28 5.02 -21.01
CA SER A 108 -19.20 3.91 -21.23
C SER A 108 -20.39 4.31 -22.09
N ALA A 109 -20.34 5.48 -22.70
CA ALA A 109 -21.47 6.03 -23.43
C ALA A 109 -21.24 5.92 -24.93
N SER A 110 -22.33 5.68 -25.67
CA SER A 110 -22.30 5.61 -27.12
C SER A 110 -21.32 4.54 -27.61
N GLN A 111 -21.51 3.33 -27.11
CA GLN A 111 -20.66 2.16 -27.38
C GLN A 111 -19.23 2.35 -26.90
N GLY A 112 -18.97 3.37 -26.07
CA GLY A 112 -17.70 3.48 -25.38
C GLY A 112 -16.59 4.22 -26.10
N ILE A 113 -16.92 5.37 -26.71
CA ILE A 113 -15.89 6.19 -27.36
C ILE A 113 -14.95 6.72 -26.29
N CYS A 114 -13.81 7.26 -26.69
CA CYS A 114 -12.82 7.80 -25.78
C CYS A 114 -12.56 9.26 -26.09
N GLN A 115 -12.31 10.06 -25.04
CA GLN A 115 -11.99 11.47 -25.18
C GLN A 115 -10.49 11.70 -25.00
N PHE A 116 -10.03 12.84 -25.51
CA PHE A 116 -8.61 13.22 -25.42
C PHE A 116 -8.53 14.59 -24.75
N LEU A 117 -8.52 14.59 -23.42
CA LEU A 117 -8.44 15.84 -22.67
C LEU A 117 -6.99 16.29 -22.57
N ARG A 118 -6.71 17.49 -23.07
CA ARG A 118 -5.38 18.06 -22.94
C ARG A 118 -5.02 18.20 -21.47
N LEU A 119 -3.73 18.03 -21.17
CA LEU A 119 -3.31 17.81 -19.79
C LEU A 119 -3.55 19.04 -18.91
N ASP A 120 -3.14 20.22 -19.38
CA ASP A 120 -3.05 21.38 -18.50
C ASP A 120 -4.33 22.21 -18.43
N ASP A 121 -5.41 21.80 -19.11
CA ASP A 121 -6.69 22.48 -18.93
C ASP A 121 -7.88 21.59 -19.25
N LEU A 122 -7.67 20.32 -19.63
CA LEU A 122 -8.74 19.38 -19.93
C LEU A 122 -9.58 19.85 -21.13
N PHE A 123 -8.90 20.44 -22.11
CA PHE A 123 -9.55 20.87 -23.35
C PHE A 123 -9.86 19.63 -24.19
N LYS A 124 -11.14 19.41 -24.47
CA LYS A 124 -11.53 18.25 -25.26
C LYS A 124 -10.91 18.34 -26.65
N LEU A 125 -9.74 17.70 -26.81
CA LEU A 125 -9.02 17.72 -28.08
C LEU A 125 -9.70 16.88 -29.15
N GLY A 126 -10.51 15.91 -28.75
CA GLY A 126 -11.19 15.06 -29.71
C GLY A 126 -11.95 13.97 -29.01
N GLU A 127 -12.80 13.30 -29.79
CA GLU A 127 -13.58 12.15 -29.36
C GLU A 127 -14.06 11.44 -30.61
N PRO A 128 -13.14 10.85 -31.38
CA PRO A 128 -13.50 10.34 -32.72
C PRO A 128 -14.53 9.22 -32.62
N HIS A 129 -15.62 9.37 -33.37
CA HIS A 129 -16.84 8.63 -33.05
C HIS A 129 -17.67 8.26 -34.27
N HIS A 130 -17.04 8.00 -35.42
CA HIS A 130 -17.79 7.59 -36.60
C HIS A 130 -17.32 6.30 -37.25
N ARG A 131 -16.21 5.71 -36.81
CA ARG A 131 -15.77 4.43 -37.35
C ARG A 131 -16.24 3.28 -36.47
N LYS A 132 -16.05 2.05 -36.97
CA LYS A 132 -16.47 0.87 -36.22
C LYS A 132 -15.52 0.58 -35.07
N GLU A 133 -14.21 0.73 -35.29
CA GLU A 133 -13.21 0.54 -34.26
C GLU A 133 -12.92 1.80 -33.46
N HIS A 134 -13.83 2.77 -33.49
CA HIS A 134 -13.84 3.87 -32.52
C HIS A 134 -14.69 3.54 -31.30
N TYR A 135 -15.38 2.40 -31.31
CA TYR A 135 -16.23 1.95 -30.21
C TYR A 135 -15.55 0.76 -29.57
N LEU A 136 -15.04 0.94 -28.35
CA LEU A 136 -14.22 -0.09 -27.71
C LEU A 136 -15.07 -1.14 -27.00
N SER A 137 -16.11 -0.73 -26.28
CA SER A 137 -17.01 -1.68 -25.63
C SER A 137 -18.23 -0.93 -25.12
N SER A 138 -19.36 -1.64 -25.07
CA SER A 138 -20.60 -1.11 -24.54
C SER A 138 -20.91 -1.62 -23.14
N VAL A 139 -19.89 -2.03 -22.39
CA VAL A 139 -20.12 -2.50 -21.03
C VAL A 139 -20.26 -1.31 -20.11
N GLN A 140 -20.99 -1.50 -19.02
CA GLN A 140 -21.30 -0.43 -18.09
C GLN A 140 -20.43 -0.44 -16.83
N GLU A 141 -19.91 -1.60 -16.42
CA GLU A 141 -18.98 -1.62 -15.29
C GLU A 141 -17.72 -0.85 -15.65
N ALA A 142 -17.09 -0.26 -14.63
CA ALA A 142 -15.73 0.22 -14.72
C ALA A 142 -14.81 -0.80 -14.07
N GLY A 143 -13.51 -0.55 -14.16
CA GLY A 143 -12.56 -1.42 -13.50
C GLY A 143 -12.41 -2.77 -14.17
N SER A 144 -13.23 -3.01 -15.20
CA SER A 144 -13.09 -4.20 -16.03
C SER A 144 -12.28 -3.93 -17.29
N MET A 145 -11.78 -2.71 -17.46
CA MET A 145 -10.95 -2.33 -18.59
C MET A 145 -9.55 -1.99 -18.10
N ALA A 146 -8.55 -2.25 -18.94
CA ALA A 146 -7.16 -2.05 -18.55
C ALA A 146 -6.32 -1.95 -19.81
N GLY A 147 -5.15 -1.32 -19.68
CA GLY A 147 -4.26 -1.21 -20.82
C GLY A 147 -3.06 -0.33 -20.54
N VAL A 148 -2.22 -0.19 -21.58
CA VAL A 148 -0.97 0.56 -21.51
C VAL A 148 -0.82 1.38 -22.79
N LEU A 149 -0.02 2.44 -22.71
CA LEU A 149 0.41 3.21 -23.87
C LEU A 149 1.85 2.87 -24.22
N ILE A 150 2.16 2.90 -25.52
CA ILE A 150 3.50 2.59 -26.00
C ILE A 150 3.92 3.60 -27.06
N ALA A 151 4.64 4.64 -26.65
CA ALA A 151 5.12 5.62 -27.60
C ALA A 151 6.18 5.01 -28.51
N GLY A 152 6.07 5.29 -29.81
CA GLY A 152 7.06 4.85 -30.76
C GLY A 152 8.30 5.73 -30.70
N PRO A 153 9.07 5.77 -31.78
CA PRO A 153 10.21 6.70 -31.85
C PRO A 153 9.76 8.12 -31.58
N PRO A 154 10.53 8.88 -30.79
CA PRO A 154 10.01 10.17 -30.28
C PRO A 154 9.65 11.17 -31.37
N GLY A 155 10.56 11.40 -32.32
CA GLY A 155 10.28 12.36 -33.37
C GLY A 155 9.08 11.99 -34.23
N GLN A 156 8.79 10.68 -34.32
CA GLN A 156 7.70 10.21 -35.17
C GLN A 156 6.36 10.75 -34.69
N GLY A 157 6.05 10.59 -33.41
CA GLY A 157 4.76 10.98 -32.87
C GLY A 157 3.71 9.89 -32.90
N GLN A 158 4.03 8.73 -33.47
CA GLN A 158 3.12 7.58 -33.46
C GLN A 158 3.29 6.79 -32.18
N ALA A 159 2.20 6.20 -31.71
CA ALA A 159 2.20 5.36 -30.52
C ALA A 159 1.29 4.18 -30.75
N LYS A 160 1.11 3.37 -29.71
CA LYS A 160 0.22 2.21 -29.74
C LYS A 160 -0.58 2.20 -28.45
N LEU A 161 -1.66 1.43 -28.44
CA LEU A 161 -2.51 1.38 -27.26
C LEU A 161 -3.13 -0.02 -27.16
N PHE A 162 -2.71 -0.77 -26.15
CA PHE A 162 -3.18 -2.14 -25.93
C PHE A 162 -4.33 -2.11 -24.94
N VAL A 163 -5.52 -2.51 -25.38
CA VAL A 163 -6.73 -2.40 -24.57
C VAL A 163 -7.43 -3.74 -24.49
N GLY A 164 -7.72 -4.19 -23.27
CA GLY A 164 -8.55 -5.35 -23.04
C GLY A 164 -9.83 -4.93 -22.33
N THR A 165 -10.95 -5.47 -22.80
CA THR A 165 -12.24 -5.10 -22.22
C THR A 165 -13.21 -6.27 -22.39
N PRO A 166 -14.18 -6.41 -21.50
CA PRO A 166 -15.31 -7.29 -21.77
C PRO A 166 -16.12 -6.75 -22.94
N ILE A 167 -16.94 -7.63 -23.54
CA ILE A 167 -17.68 -7.28 -24.73
C ILE A 167 -19.15 -7.66 -24.67
N ASP A 168 -19.59 -8.34 -23.59
CA ASP A 168 -21.00 -8.67 -23.36
C ASP A 168 -21.60 -9.42 -24.54
N GLY A 169 -20.85 -10.41 -25.03
CA GLY A 169 -21.35 -11.29 -26.07
C GLY A 169 -21.49 -10.61 -27.43
N LYS A 170 -21.07 -9.35 -27.52
CA LYS A 170 -21.16 -8.58 -28.76
C LYS A 170 -19.87 -8.78 -29.55
N SER A 171 -19.66 -10.04 -29.96
CA SER A 171 -18.40 -10.45 -30.56
C SER A 171 -18.18 -9.84 -31.95
N GLU A 172 -19.25 -9.45 -32.65
CA GLU A 172 -19.06 -8.85 -33.96
C GLU A 172 -18.61 -7.41 -33.86
N TYR A 173 -19.00 -6.70 -32.79
CA TYR A 173 -18.72 -5.28 -32.66
C TYR A 173 -17.33 -5.03 -32.09
N PHE A 174 -17.03 -5.64 -30.94
CA PHE A 174 -15.89 -5.25 -30.12
C PHE A 174 -14.92 -6.41 -29.98
N PRO A 175 -13.63 -6.18 -30.20
CA PRO A 175 -12.63 -7.15 -29.77
C PRO A 175 -12.47 -7.13 -28.26
N THR A 176 -12.17 -8.30 -27.69
CA THR A 176 -11.90 -8.38 -26.26
C THR A 176 -10.50 -7.92 -25.91
N LEU A 177 -9.61 -7.76 -26.89
CA LEU A 177 -8.26 -7.29 -26.67
C LEU A 177 -7.65 -6.93 -28.02
N SER A 178 -7.07 -5.73 -28.13
CA SER A 178 -6.60 -5.24 -29.41
C SER A 178 -5.30 -4.46 -29.22
N SER A 179 -4.75 -3.98 -30.33
CA SER A 179 -3.52 -3.18 -30.34
C SER A 179 -3.73 -2.05 -31.35
N ARG A 180 -4.48 -1.03 -30.92
CA ARG A 180 -4.81 0.08 -31.78
C ARG A 180 -3.73 1.16 -31.73
N ARG A 181 -3.82 2.12 -32.65
CA ARG A 181 -2.79 3.12 -32.86
C ARG A 181 -3.23 4.47 -32.30
N LEU A 182 -2.25 5.30 -31.92
CA LEU A 182 -2.50 6.61 -31.32
C LEU A 182 -1.94 7.68 -32.23
N MET A 183 -2.82 8.39 -32.92
CA MET A 183 -2.43 9.46 -33.82
C MET A 183 -2.11 10.74 -33.06
N ALA A 184 -1.23 11.56 -33.63
CA ALA A 184 -0.89 12.84 -33.01
C ALA A 184 -2.04 13.84 -33.12
N ASN A 185 -2.78 13.81 -34.23
CA ASN A 185 -3.92 14.70 -34.43
C ASN A 185 -5.17 13.98 -33.95
N GLU A 186 -5.76 14.47 -32.85
CA GLU A 186 -6.82 13.72 -32.17
C GLU A 186 -8.07 13.55 -33.04
N GLU A 187 -8.31 14.47 -33.98
CA GLU A 187 -9.51 14.38 -34.80
C GLU A 187 -9.42 13.28 -35.84
N ASP A 188 -8.19 12.89 -36.22
CA ASP A 188 -7.94 11.91 -37.26
C ASP A 188 -8.81 10.67 -37.09
N ALA A 189 -9.28 10.13 -38.21
CA ALA A 189 -10.12 8.94 -38.20
C ALA A 189 -9.32 7.66 -38.07
N ASP A 190 -8.01 7.71 -38.24
CA ASP A 190 -7.16 6.55 -38.02
C ASP A 190 -6.88 6.29 -36.55
N MET A 191 -7.41 7.12 -35.65
CA MET A 191 -7.31 6.85 -34.23
C MET A 191 -7.99 5.52 -33.92
N PHE A 192 -7.41 4.77 -32.98
CA PHE A 192 -7.97 3.52 -32.48
C PHE A 192 -8.08 2.47 -33.57
N GLY A 193 -7.35 2.65 -34.66
CA GLY A 193 -7.30 1.64 -35.71
C GLY A 193 -6.16 0.67 -35.42
N PHE A 194 -6.42 -0.61 -35.68
CA PHE A 194 -5.46 -1.65 -35.38
C PHE A 194 -4.15 -1.39 -36.11
N VAL A 195 -3.03 -1.63 -35.42
CA VAL A 195 -1.71 -1.29 -35.96
C VAL A 195 -1.25 -2.27 -37.01
N TYR A 196 -2.03 -3.32 -37.29
CA TYR A 196 -1.79 -4.18 -38.45
C TYR A 196 -3.10 -4.84 -38.84
N GLN A 197 -3.51 -4.66 -40.09
CA GLN A 197 -4.81 -5.08 -40.58
C GLN A 197 -4.65 -5.73 -41.95
N ASP A 198 -5.07 -6.99 -42.07
CA ASP A 198 -5.22 -7.62 -43.37
C ASP A 198 -6.31 -8.68 -43.26
N GLU A 199 -6.55 -9.37 -44.38
CA GLU A 199 -7.70 -10.28 -44.48
C GLU A 199 -7.58 -11.45 -43.51
N PHE A 200 -6.35 -11.83 -43.16
CA PHE A 200 -6.11 -13.05 -42.40
C PHE A 200 -6.04 -12.79 -40.90
N VAL A 201 -5.07 -11.99 -40.47
CA VAL A 201 -4.90 -11.67 -39.05
C VAL A 201 -4.72 -10.18 -38.88
N SER A 202 -5.23 -9.67 -37.77
CA SER A 202 -5.04 -8.28 -37.38
C SER A 202 -4.65 -8.23 -35.90
N SER A 203 -4.12 -7.09 -35.48
CA SER A 203 -3.72 -6.91 -34.08
C SER A 203 -4.95 -6.90 -33.18
N GLN A 204 -5.73 -7.95 -33.25
CA GLN A 204 -7.05 -8.06 -32.63
C GLN A 204 -7.14 -9.40 -31.93
N LEU A 205 -8.26 -9.63 -31.25
CA LEU A 205 -8.51 -10.93 -30.67
C LEU A 205 -9.99 -11.09 -30.34
N LYS A 206 -10.79 -11.52 -31.31
CA LYS A 206 -12.24 -11.60 -31.12
C LYS A 206 -12.60 -12.89 -30.40
N ILE A 207 -13.61 -12.80 -29.55
CA ILE A 207 -14.19 -14.01 -28.94
C ILE A 207 -14.92 -14.80 -30.02
N PRO A 208 -14.67 -16.11 -30.14
CA PRO A 208 -15.35 -16.89 -31.16
C PRO A 208 -16.86 -16.85 -31.00
N SER A 209 -17.56 -16.56 -32.11
CA SER A 209 -19.01 -16.63 -32.12
C SER A 209 -19.52 -17.97 -31.64
N ASP A 210 -18.69 -19.02 -31.72
CA ASP A 210 -19.09 -20.33 -31.26
C ASP A 210 -19.21 -20.40 -29.74
N THR A 211 -18.15 -19.99 -29.03
CA THR A 211 -18.11 -20.17 -27.58
C THR A 211 -19.25 -19.43 -26.90
N LEU A 212 -19.57 -18.22 -27.37
CA LEU A 212 -20.72 -17.51 -26.82
C LEU A 212 -22.02 -18.22 -27.16
N SER A 213 -22.07 -18.91 -28.30
CA SER A 213 -23.23 -19.73 -28.63
C SER A 213 -23.28 -20.96 -27.73
N LYS A 214 -22.14 -21.62 -27.53
CA LYS A 214 -22.02 -22.70 -26.57
C LYS A 214 -22.37 -22.21 -25.18
N PHE A 215 -21.54 -21.32 -24.65
CA PHE A 215 -21.72 -20.76 -23.33
C PHE A 215 -22.35 -19.39 -23.46
N PRO A 216 -23.61 -19.19 -23.04
CA PRO A 216 -24.31 -17.93 -23.30
C PRO A 216 -23.55 -16.70 -22.83
N ALA A 217 -23.55 -16.46 -21.52
CA ALA A 217 -22.92 -15.26 -20.95
C ALA A 217 -21.48 -15.58 -20.60
N PHE A 218 -20.56 -15.21 -21.50
CA PHE A 218 -19.13 -15.40 -21.27
C PHE A 218 -18.39 -14.12 -21.64
N ASP A 219 -17.35 -13.80 -20.86
CA ASP A 219 -16.59 -12.59 -21.10
C ASP A 219 -15.25 -12.67 -20.38
N ILE A 220 -14.31 -11.83 -20.84
CA ILE A 220 -12.99 -11.71 -20.24
C ILE A 220 -12.98 -10.36 -19.55
N TYR A 221 -12.88 -10.32 -18.23
CA TYR A 221 -12.73 -9.05 -17.52
C TYR A 221 -11.26 -8.81 -17.20
N TYR A 222 -10.79 -7.58 -17.43
CA TYR A 222 -9.36 -7.25 -17.42
C TYR A 222 -9.07 -6.38 -16.20
N VAL A 223 -8.44 -6.97 -15.17
CA VAL A 223 -8.26 -6.30 -13.89
C VAL A 223 -7.05 -5.38 -13.93
N TYR A 224 -5.85 -5.94 -14.04
CA TYR A 224 -4.63 -5.15 -14.06
C TYR A 224 -3.97 -5.30 -15.42
N SER A 225 -3.05 -4.40 -15.72
CA SER A 225 -2.28 -4.49 -16.95
C SER A 225 -1.00 -3.69 -16.76
N PHE A 226 0.13 -4.26 -17.17
CA PHE A 226 1.41 -3.62 -16.92
C PHE A 226 2.40 -3.98 -18.02
N ARG A 227 3.28 -3.03 -18.33
CA ARG A 227 4.36 -3.24 -19.29
C ARG A 227 5.59 -3.73 -18.56
N SER A 228 6.25 -4.75 -19.12
CA SER A 228 7.42 -5.34 -18.49
C SER A 228 8.32 -5.94 -19.57
N GLU A 229 9.58 -5.54 -19.58
CA GLU A 229 10.57 -5.94 -20.60
C GLU A 229 10.01 -5.52 -21.96
N GLN A 230 10.00 -6.39 -22.96
CA GLN A 230 9.42 -6.11 -24.27
C GLN A 230 8.01 -6.66 -24.41
N PHE A 231 7.32 -6.94 -23.31
CA PHE A 231 5.99 -7.52 -23.37
C PHE A 231 4.99 -6.58 -22.70
N VAL A 232 3.72 -6.99 -22.72
CA VAL A 232 2.69 -6.41 -21.86
C VAL A 232 1.88 -7.57 -21.28
N TYR A 233 1.75 -7.58 -19.96
CA TYR A 233 0.99 -8.61 -19.27
C TYR A 233 -0.34 -8.06 -18.79
N TYR A 234 -1.34 -8.95 -18.75
CA TYR A 234 -2.65 -8.63 -18.22
C TYR A 234 -3.02 -9.69 -17.19
N LEU A 235 -3.69 -9.26 -16.12
CA LEU A 235 -4.31 -10.19 -15.19
C LEU A 235 -5.81 -10.15 -15.48
N THR A 236 -6.30 -11.20 -16.13
CA THR A 236 -7.70 -11.28 -16.51
C THR A 236 -8.46 -12.17 -15.53
N LEU A 237 -9.77 -12.18 -15.68
CA LEU A 237 -10.62 -13.11 -14.93
C LEU A 237 -11.74 -13.53 -15.87
N GLN A 238 -11.67 -14.77 -16.35
CA GLN A 238 -12.66 -15.27 -17.29
C GLN A 238 -13.61 -16.22 -16.59
N LEU A 239 -14.75 -16.44 -17.24
CA LEU A 239 -15.66 -17.47 -16.81
C LEU A 239 -15.07 -18.82 -17.17
N ASP A 240 -15.08 -19.74 -16.20
CA ASP A 240 -14.54 -21.07 -16.43
C ASP A 240 -15.41 -21.83 -17.41
N THR A 241 -14.86 -22.16 -18.57
CA THR A 241 -15.55 -22.99 -19.54
C THR A 241 -15.75 -24.41 -19.05
N GLN A 242 -15.01 -24.84 -18.02
CA GLN A 242 -15.09 -26.20 -17.52
C GLN A 242 -16.12 -26.36 -16.40
N LEU A 243 -15.87 -25.74 -15.25
CA LEU A 243 -16.70 -25.93 -14.05
C LEU A 243 -18.13 -25.42 -14.22
N THR A 244 -18.62 -25.05 -15.40
CA THR A 244 -19.95 -24.48 -15.58
C THR A 244 -20.67 -25.22 -16.69
N SER A 245 -21.90 -25.67 -16.42
CA SER A 245 -22.73 -26.32 -17.41
C SER A 245 -23.27 -25.29 -18.41
N PRO A 246 -23.70 -25.73 -19.60
CA PRO A 246 -24.24 -24.77 -20.58
C PRO A 246 -25.40 -23.95 -20.05
N ASP A 247 -26.18 -24.50 -19.12
CA ASP A 247 -27.26 -23.76 -18.47
C ASP A 247 -26.69 -22.55 -17.74
N ALA A 248 -27.11 -21.36 -18.14
CA ALA A 248 -26.67 -20.11 -17.50
C ALA A 248 -27.56 -19.76 -16.31
N ALA A 249 -27.72 -20.72 -15.39
CA ALA A 249 -28.56 -20.49 -14.21
C ALA A 249 -28.04 -19.34 -13.37
N GLY A 250 -26.72 -19.26 -13.19
CA GLY A 250 -26.11 -18.26 -12.33
C GLY A 250 -25.06 -18.87 -11.44
N GLU A 251 -24.83 -20.17 -11.62
CA GLU A 251 -23.83 -20.92 -10.86
C GLU A 251 -22.45 -20.88 -11.51
N HIS A 252 -22.19 -19.93 -12.40
CA HIS A 252 -20.94 -19.93 -13.14
C HIS A 252 -19.77 -19.59 -12.24
N PHE A 253 -18.74 -20.44 -12.29
CA PHE A 253 -17.48 -20.19 -11.62
C PHE A 253 -16.50 -19.54 -12.61
N PHE A 254 -15.42 -18.99 -12.06
CA PHE A 254 -14.48 -18.20 -12.84
C PHE A 254 -13.06 -18.67 -12.57
N THR A 255 -12.13 -18.23 -13.41
CA THR A 255 -10.73 -18.62 -13.30
C THR A 255 -9.85 -17.45 -13.71
N SER A 256 -8.98 -17.01 -12.81
CA SER A 256 -8.06 -15.93 -13.10
C SER A 256 -6.86 -16.44 -13.88
N LYS A 257 -6.44 -15.65 -14.86
CA LYS A 257 -5.36 -16.06 -15.75
C LYS A 257 -4.48 -14.87 -16.10
N ILE A 258 -3.17 -15.06 -16.09
CA ILE A 258 -2.28 -14.08 -16.71
C ILE A 258 -2.43 -14.19 -18.22
N VAL A 259 -2.05 -13.11 -18.92
CA VAL A 259 -1.97 -13.07 -20.37
C VAL A 259 -0.76 -12.23 -20.74
N ARG A 260 -0.09 -12.58 -21.84
CA ARG A 260 1.07 -11.81 -22.26
C ARG A 260 1.16 -11.75 -23.78
N LEU A 261 1.51 -10.57 -24.29
CA LEU A 261 1.81 -10.34 -25.70
C LEU A 261 3.14 -9.63 -25.82
N CYS A 262 3.63 -9.52 -27.05
CA CYS A 262 4.79 -8.72 -27.39
C CYS A 262 4.35 -7.37 -27.93
N VAL A 263 5.15 -6.34 -27.64
CA VAL A 263 4.88 -5.02 -28.21
C VAL A 263 5.16 -5.03 -29.71
N ASP A 264 6.08 -5.88 -30.16
CA ASP A 264 6.52 -5.94 -31.54
C ASP A 264 5.95 -7.18 -32.26
N ASP A 265 4.76 -7.61 -31.85
CA ASP A 265 4.07 -8.74 -32.47
C ASP A 265 2.84 -8.21 -33.18
N PRO A 266 2.94 -7.78 -34.44
CA PRO A 266 1.78 -7.19 -35.11
C PRO A 266 0.67 -8.18 -35.40
N LYS A 267 1.00 -9.44 -35.69
CA LYS A 267 0.01 -10.44 -36.04
C LYS A 267 -0.58 -11.16 -34.84
N PHE A 268 -0.12 -10.83 -33.63
CA PHE A 268 -0.63 -11.41 -32.38
C PHE A 268 -0.34 -12.91 -32.31
N TYR A 269 0.89 -13.28 -32.65
CA TYR A 269 1.30 -14.68 -32.54
C TYR A 269 1.76 -15.04 -31.13
N SER A 270 2.20 -14.06 -30.35
CA SER A 270 2.86 -14.32 -29.08
C SER A 270 1.89 -14.58 -27.92
N TYR A 271 0.59 -14.59 -28.19
CA TYR A 271 -0.41 -14.74 -27.13
C TYR A 271 -0.14 -15.98 -26.29
N VAL A 272 -0.46 -15.88 -25.00
CA VAL A 272 -0.22 -16.94 -24.04
C VAL A 272 -1.07 -16.64 -22.80
N GLU A 273 -1.59 -17.69 -22.17
CA GLU A 273 -2.60 -17.52 -21.12
C GLU A 273 -2.51 -18.68 -20.12
N PHE A 274 -1.99 -18.38 -18.89
CA PHE A 274 -1.83 -19.31 -17.78
C PHE A 274 -2.75 -18.96 -16.61
N PRO A 275 -3.40 -19.96 -16.01
CA PRO A 275 -4.20 -19.69 -14.81
C PRO A 275 -3.30 -19.34 -13.63
N ILE A 276 -3.86 -18.56 -12.69
CA ILE A 276 -3.15 -18.11 -11.51
C ILE A 276 -4.02 -18.27 -10.27
N GLY A 277 -3.35 -18.22 -9.12
CA GLY A 277 -4.00 -18.42 -7.84
C GLY A 277 -2.97 -18.67 -6.77
N CYS A 278 -3.44 -19.16 -5.63
CA CYS A 278 -2.56 -19.53 -4.54
C CYS A 278 -3.37 -20.23 -3.46
N GLU A 279 -2.66 -20.74 -2.45
CA GLU A 279 -3.30 -21.40 -1.32
C GLU A 279 -2.47 -21.14 -0.07
N GLN A 280 -3.14 -21.22 1.06
CA GLN A 280 -2.47 -21.21 2.36
C GLN A 280 -3.38 -21.91 3.36
N ALA A 281 -2.87 -22.97 3.99
CA ALA A 281 -3.65 -23.83 4.88
C ALA A 281 -4.82 -24.47 4.12
N GLY A 282 -4.55 -24.88 2.88
CA GLY A 282 -5.55 -25.55 2.09
C GLY A 282 -6.74 -24.73 1.69
N VAL A 283 -6.62 -23.41 1.70
CA VAL A 283 -7.69 -22.52 1.23
C VAL A 283 -7.36 -22.09 -0.19
N GLU A 284 -8.32 -22.26 -1.10
CA GLU A 284 -8.13 -21.87 -2.49
C GLU A 284 -8.39 -20.37 -2.66
N TYR A 285 -7.53 -19.71 -3.42
CA TYR A 285 -7.71 -18.31 -3.79
C TYR A 285 -7.42 -18.18 -5.28
N ARG A 286 -8.47 -18.02 -6.09
CA ARG A 286 -8.31 -17.98 -7.53
C ARG A 286 -9.15 -16.91 -8.22
N LEU A 287 -9.70 -15.96 -7.48
CA LEU A 287 -10.47 -14.84 -8.04
C LEU A 287 -9.61 -13.58 -7.90
N VAL A 288 -8.87 -13.26 -8.96
CA VAL A 288 -7.98 -12.10 -8.92
C VAL A 288 -8.81 -10.85 -8.65
N GLN A 289 -8.23 -9.93 -7.86
CA GLN A 289 -8.92 -8.70 -7.54
C GLN A 289 -8.10 -7.50 -7.95
N ASP A 290 -6.83 -7.42 -7.53
CA ASP A 290 -5.96 -6.34 -7.96
C ASP A 290 -4.54 -6.89 -8.08
N ALA A 291 -3.68 -6.11 -8.73
CA ALA A 291 -2.28 -6.51 -8.92
C ALA A 291 -1.42 -5.27 -9.12
N TYR A 292 -0.17 -5.36 -8.67
CA TYR A 292 0.76 -4.24 -8.75
C TYR A 292 2.15 -4.76 -9.07
N LEU A 293 2.79 -4.16 -10.06
CA LEU A 293 4.17 -4.48 -10.42
C LEU A 293 5.11 -3.55 -9.68
N SER A 294 6.02 -4.10 -8.88
CA SER A 294 6.96 -3.31 -8.11
C SER A 294 8.35 -3.91 -8.17
N ARG A 295 9.36 -3.05 -8.11
CA ARG A 295 10.74 -3.49 -7.88
C ARG A 295 10.95 -3.68 -6.38
N PRO A 296 11.54 -4.80 -5.94
CA PRO A 296 11.40 -5.22 -4.55
C PRO A 296 12.40 -4.66 -3.54
N GLY A 297 13.44 -3.94 -3.96
CA GLY A 297 14.39 -3.40 -3.01
C GLY A 297 15.34 -4.44 -2.45
N ARG A 298 16.60 -4.04 -2.23
CA ARG A 298 17.69 -5.00 -2.00
C ARG A 298 17.41 -5.97 -0.87
N ALA A 299 16.58 -5.58 0.10
CA ALA A 299 16.26 -6.47 1.21
C ALA A 299 15.60 -7.74 0.70
N LEU A 300 14.39 -7.62 0.17
CA LEU A 300 13.66 -8.78 -0.35
C LEU A 300 14.30 -9.36 -1.61
N ALA A 301 15.22 -8.63 -2.24
CA ALA A 301 15.86 -9.08 -3.47
C ALA A 301 16.78 -10.27 -3.22
N HIS A 302 17.89 -10.06 -2.50
CA HIS A 302 18.80 -11.16 -2.18
C HIS A 302 18.10 -12.29 -1.44
N GLN A 303 16.93 -12.01 -0.84
CA GLN A 303 16.12 -13.05 -0.24
C GLN A 303 15.53 -13.98 -1.30
N LEU A 304 15.24 -13.46 -2.49
CA LEU A 304 14.61 -14.22 -3.55
C LEU A 304 15.57 -14.63 -4.65
N GLY A 305 16.82 -14.15 -4.61
CA GLY A 305 17.80 -14.47 -5.62
C GLY A 305 17.69 -13.69 -6.91
N LEU A 306 16.90 -12.62 -6.93
CA LEU A 306 16.65 -11.86 -8.15
C LEU A 306 17.68 -10.75 -8.31
N ALA A 307 18.01 -10.45 -9.55
CA ALA A 307 18.90 -9.34 -9.85
C ALA A 307 18.22 -8.01 -9.56
N GLU A 308 19.01 -6.95 -9.50
CA GLU A 308 18.47 -5.64 -9.14
C GLU A 308 17.51 -5.10 -10.19
N ASP A 309 17.52 -5.65 -11.40
CA ASP A 309 16.59 -5.22 -12.45
C ASP A 309 15.35 -6.10 -12.54
N GLU A 310 15.28 -7.19 -11.78
CA GLU A 310 14.16 -8.10 -11.86
C GLU A 310 12.99 -7.58 -11.02
N ASP A 311 11.78 -7.73 -11.54
CA ASP A 311 10.60 -7.18 -10.92
C ASP A 311 9.79 -8.27 -10.22
N VAL A 312 8.72 -7.85 -9.55
CA VAL A 312 7.84 -8.73 -8.79
C VAL A 312 6.41 -8.25 -9.00
N LEU A 313 5.46 -9.18 -8.95
CA LEU A 313 4.04 -8.86 -9.09
C LEU A 313 3.31 -9.23 -7.82
N PHE A 314 2.78 -8.23 -7.12
CA PHE A 314 1.89 -8.46 -5.99
C PHE A 314 0.47 -8.62 -6.49
N THR A 315 -0.29 -9.48 -5.83
CA THR A 315 -1.65 -9.79 -6.27
C THR A 315 -2.56 -9.88 -5.05
N VAL A 316 -3.87 -9.79 -5.32
CA VAL A 316 -4.89 -9.92 -4.28
C VAL A 316 -5.96 -10.85 -4.83
N PHE A 317 -6.12 -12.02 -4.21
CA PHE A 317 -7.08 -13.01 -4.66
C PHE A 317 -8.18 -13.19 -3.61
N ALA A 318 -9.41 -13.26 -4.07
CA ALA A 318 -10.52 -13.63 -3.22
C ALA A 318 -10.64 -15.16 -3.18
N GLN A 319 -11.18 -15.65 -2.08
CA GLN A 319 -11.23 -17.10 -1.85
C GLN A 319 -12.16 -17.76 -2.86
N GLY A 320 -11.68 -18.85 -3.46
CA GLY A 320 -12.51 -19.67 -4.32
C GLY A 320 -12.53 -19.21 -5.77
N GLN A 321 -13.51 -19.74 -6.49
CA GLN A 321 -13.75 -19.39 -7.88
C GLN A 321 -15.22 -19.02 -8.12
N LYS A 322 -16.01 -18.92 -7.06
CA LYS A 322 -17.45 -18.68 -7.17
C LYS A 322 -17.75 -17.19 -7.06
N ASN A 323 -18.70 -16.73 -7.88
CA ASN A 323 -19.29 -15.39 -7.76
C ASN A 323 -18.30 -14.28 -8.07
N ARG A 324 -18.28 -13.80 -9.31
CA ARG A 324 -17.34 -12.75 -9.70
C ARG A 324 -17.83 -11.37 -9.27
N VAL A 325 -19.11 -11.08 -9.47
CA VAL A 325 -19.62 -9.74 -9.22
C VAL A 325 -19.52 -9.35 -7.75
N LYS A 326 -19.42 -10.33 -6.85
CA LYS A 326 -19.25 -10.06 -5.43
C LYS A 326 -18.52 -11.22 -4.78
N PRO A 327 -17.19 -11.24 -4.89
CA PRO A 327 -16.41 -12.32 -4.29
C PRO A 327 -16.57 -12.33 -2.77
N PRO A 328 -16.22 -13.43 -2.11
CA PRO A 328 -16.34 -13.47 -0.65
C PRO A 328 -15.28 -12.60 0.02
N LYS A 329 -15.59 -12.20 1.25
CA LYS A 329 -14.71 -11.30 1.98
C LYS A 329 -13.30 -11.88 2.12
N GLU A 330 -13.21 -13.16 2.47
CA GLU A 330 -11.93 -13.82 2.73
C GLU A 330 -11.00 -13.68 1.52
N SER A 331 -9.85 -13.03 1.74
CA SER A 331 -8.96 -12.69 0.65
C SER A 331 -7.51 -12.90 1.10
N ALA A 332 -6.63 -13.02 0.11
CA ALA A 332 -5.21 -13.26 0.35
C ALA A 332 -4.38 -12.35 -0.55
N LEU A 333 -3.24 -11.92 -0.04
CA LEU A 333 -2.27 -11.12 -0.79
C LEU A 333 -1.12 -12.05 -1.14
N CYS A 334 -1.06 -12.46 -2.41
CA CYS A 334 -0.07 -13.41 -2.88
C CYS A 334 1.00 -12.72 -3.70
N LEU A 335 2.11 -13.44 -3.92
CA LEU A 335 3.26 -12.91 -4.61
C LEU A 335 3.66 -13.83 -5.75
N PHE A 336 3.95 -13.24 -6.90
CA PHE A 336 4.54 -13.95 -8.04
C PHE A 336 5.80 -13.18 -8.42
N THR A 337 6.91 -13.90 -8.55
CA THR A 337 8.14 -13.29 -9.03
C THR A 337 8.17 -13.33 -10.55
N LEU A 338 8.55 -12.19 -11.14
CA LEU A 338 8.53 -12.08 -12.60
C LEU A 338 9.37 -13.17 -13.26
N ARG A 339 10.42 -13.61 -12.58
CA ARG A 339 11.20 -14.75 -13.05
C ARG A 339 10.33 -15.98 -13.22
N ALA A 340 9.62 -16.37 -12.16
CA ALA A 340 8.87 -17.63 -12.19
C ALA A 340 7.77 -17.64 -13.24
N ILE A 341 7.37 -16.49 -13.77
CA ILE A 341 6.33 -16.45 -14.79
C ILE A 341 6.93 -16.61 -16.18
N LYS A 342 8.03 -15.90 -16.48
CA LYS A 342 8.73 -16.13 -17.73
C LYS A 342 9.25 -17.56 -17.83
N GLU A 343 9.46 -18.23 -16.71
CA GLU A 343 9.92 -19.61 -16.74
C GLU A 343 8.79 -20.56 -17.13
N LYS A 344 7.65 -20.49 -16.45
CA LYS A 344 6.54 -21.38 -16.76
C LYS A 344 6.02 -21.15 -18.18
N ILE A 345 6.36 -20.02 -18.80
CA ILE A 345 6.06 -19.81 -20.21
C ILE A 345 7.10 -20.49 -21.08
N LYS A 346 8.37 -20.07 -20.96
CA LYS A 346 9.45 -20.65 -21.75
C LYS A 346 9.58 -22.15 -21.59
N GLU A 347 8.99 -22.72 -20.53
CA GLU A 347 8.94 -24.16 -20.34
C GLU A 347 7.76 -24.81 -21.05
N ARG A 348 6.64 -24.10 -21.16
CA ARG A 348 5.44 -24.63 -21.82
C ARG A 348 5.40 -24.35 -23.31
N ILE A 349 6.12 -23.33 -23.79
CA ILE A 349 6.20 -23.06 -25.23
C ILE A 349 7.42 -23.69 -25.88
N GLN A 350 8.41 -24.14 -25.10
CA GLN A 350 9.34 -25.14 -25.60
C GLN A 350 8.71 -26.52 -25.59
N SER A 351 7.88 -26.80 -24.57
CA SER A 351 7.13 -28.05 -24.52
C SER A 351 6.27 -28.24 -25.76
N CYS A 352 5.86 -27.14 -26.40
CA CYS A 352 5.15 -27.23 -27.67
C CYS A 352 6.11 -27.49 -28.83
N TYR A 353 7.18 -26.70 -28.92
CA TYR A 353 8.15 -26.85 -30.00
C TYR A 353 8.91 -28.17 -29.96
N ARG A 354 8.63 -29.01 -28.96
CA ARG A 354 9.06 -30.40 -28.98
C ARG A 354 7.99 -31.33 -29.52
N GLY A 355 6.77 -30.84 -29.73
CA GLY A 355 5.69 -31.65 -30.26
C GLY A 355 4.83 -32.33 -29.22
N GLU A 356 5.07 -32.09 -27.94
CA GLU A 356 4.29 -32.70 -26.87
C GLU A 356 3.04 -31.88 -26.58
N GLY A 357 1.97 -32.57 -26.23
CA GLY A 357 0.77 -31.88 -25.79
C GLY A 357 0.06 -31.14 -26.91
N LYS A 358 -0.53 -30.01 -26.56
CA LYS A 358 -1.38 -29.27 -27.48
C LYS A 358 -1.69 -27.88 -26.92
N LEU A 359 -1.96 -26.94 -27.82
CA LEU A 359 -2.54 -25.66 -27.42
C LEU A 359 -3.87 -25.91 -26.73
N SER A 360 -4.09 -25.24 -25.59
CA SER A 360 -5.23 -25.54 -24.72
C SER A 360 -5.94 -24.24 -24.32
N LEU A 361 -6.78 -23.73 -25.23
CA LEU A 361 -7.61 -22.55 -24.98
C LEU A 361 -9.04 -22.88 -25.38
N PRO A 362 -9.82 -23.46 -24.46
CA PRO A 362 -11.19 -23.89 -24.82
C PRO A 362 -12.10 -22.76 -25.25
N TRP A 363 -11.82 -21.51 -24.85
CA TRP A 363 -12.68 -20.41 -25.27
C TRP A 363 -12.23 -19.77 -26.58
N LEU A 364 -10.93 -19.78 -26.88
CA LEU A 364 -10.44 -19.11 -28.08
C LEU A 364 -10.27 -20.04 -29.27
N LEU A 365 -10.15 -21.36 -29.04
CA LEU A 365 -9.83 -22.28 -30.11
C LEU A 365 -10.85 -23.41 -30.31
N ASN A 366 -11.57 -23.80 -29.27
CA ASN A 366 -12.65 -24.80 -29.36
C ASN A 366 -12.16 -26.18 -29.76
N LYS A 367 -11.78 -26.37 -31.02
CA LYS A 367 -11.39 -27.68 -31.51
C LYS A 367 -9.94 -27.97 -31.11
N GLU A 368 -9.72 -29.12 -30.47
CA GLU A 368 -8.44 -29.44 -29.85
C GLU A 368 -7.32 -29.60 -30.87
N LEU A 369 -6.72 -28.48 -31.28
CA LEU A 369 -5.53 -28.54 -32.13
C LEU A 369 -4.33 -28.96 -31.31
N GLY A 370 -3.42 -29.74 -31.93
CA GLY A 370 -2.27 -30.24 -31.23
C GLY A 370 -1.01 -29.41 -31.42
N CYS A 371 -0.05 -29.62 -30.53
CA CYS A 371 1.25 -28.97 -30.65
C CYS A 371 2.05 -29.63 -31.77
N ILE A 372 2.82 -28.80 -32.48
CA ILE A 372 3.58 -29.23 -33.65
C ILE A 372 5.06 -29.19 -33.31
N ASN A 373 5.82 -30.14 -33.84
CA ASN A 373 7.25 -30.20 -33.58
C ASN A 373 8.00 -29.19 -34.44
N SER A 374 9.15 -28.74 -33.94
CA SER A 374 10.01 -27.83 -34.69
C SER A 374 11.40 -27.82 -34.08
N PRO A 375 12.46 -27.85 -34.87
CA PRO A 375 13.83 -27.81 -34.34
C PRO A 375 14.30 -26.38 -34.08
N LEU A 376 13.60 -25.69 -33.17
CA LEU A 376 13.94 -24.32 -32.80
C LEU A 376 14.03 -24.23 -31.28
N GLN A 377 15.05 -23.53 -30.80
CA GLN A 377 15.30 -23.39 -29.37
C GLN A 377 14.75 -22.04 -28.90
N ILE A 378 13.74 -22.09 -28.03
CA ILE A 378 13.05 -20.88 -27.59
C ILE A 378 13.97 -20.06 -26.69
N ASP A 379 13.92 -18.74 -26.85
CA ASP A 379 14.62 -17.81 -25.99
C ASP A 379 13.75 -17.48 -24.77
N ASP A 380 14.14 -16.42 -24.05
CA ASP A 380 13.20 -15.73 -23.19
C ASP A 380 12.36 -14.74 -23.99
N ASP A 381 12.95 -14.21 -25.06
CA ASP A 381 12.32 -13.22 -25.92
C ASP A 381 12.03 -13.86 -27.28
N PHE A 382 11.11 -14.80 -27.28
CA PHE A 382 10.59 -15.43 -28.49
C PHE A 382 9.15 -14.99 -28.64
N CYS A 383 8.84 -14.32 -29.76
CA CYS A 383 7.54 -13.69 -29.96
C CYS A 383 6.69 -14.45 -30.98
N GLY A 384 6.73 -15.77 -30.95
CA GLY A 384 5.80 -16.59 -31.71
C GLY A 384 6.00 -16.63 -33.22
N GLN A 385 5.38 -17.64 -33.83
CA GLN A 385 5.29 -17.75 -35.28
C GLN A 385 3.93 -18.34 -35.63
N ASP A 386 3.65 -18.44 -36.93
CA ASP A 386 2.31 -18.77 -37.43
C ASP A 386 1.80 -20.14 -36.96
N PHE A 387 2.61 -20.87 -36.21
CA PHE A 387 2.22 -22.16 -35.68
C PHE A 387 2.41 -22.18 -34.17
N ASN A 388 1.73 -23.12 -33.52
CA ASN A 388 1.81 -23.31 -32.08
C ASN A 388 1.38 -22.05 -31.32
N GLN A 389 0.27 -21.47 -31.76
CA GLN A 389 -0.33 -20.29 -31.13
C GLN A 389 -1.75 -20.11 -31.65
N PRO A 390 -2.67 -19.57 -30.83
CA PRO A 390 -2.49 -19.12 -29.45
C PRO A 390 -2.32 -20.28 -28.48
N LEU A 391 -1.46 -20.11 -27.49
CA LEU A 391 -1.02 -21.20 -26.65
C LEU A 391 -1.72 -21.15 -25.30
N GLY A 392 -2.17 -22.32 -24.83
CA GLY A 392 -2.95 -22.40 -23.60
C GLY A 392 -2.09 -22.57 -22.36
N GLY A 393 -2.78 -22.77 -21.24
CA GLY A 393 -2.12 -22.99 -19.96
C GLY A 393 -2.63 -24.25 -19.29
N THR A 394 -1.71 -25.13 -18.90
CA THR A 394 -2.06 -26.44 -18.35
C THR A 394 -2.11 -26.46 -16.83
N VAL A 395 -1.05 -26.00 -16.17
CA VAL A 395 -0.97 -25.99 -14.71
C VAL A 395 -1.10 -24.54 -14.23
N THR A 396 -2.01 -24.32 -13.29
CA THR A 396 -2.17 -22.99 -12.71
C THR A 396 -0.89 -22.57 -12.01
N ILE A 397 -0.35 -21.42 -12.41
CA ILE A 397 0.84 -20.88 -11.74
C ILE A 397 0.47 -20.56 -10.30
N GLU A 398 1.25 -21.08 -9.37
CA GLU A 398 0.98 -20.88 -7.96
C GLU A 398 1.77 -19.70 -7.43
N GLY A 399 1.15 -18.95 -6.51
CA GLY A 399 1.76 -17.79 -5.91
C GLY A 399 2.14 -18.02 -4.46
N THR A 400 2.94 -17.11 -3.95
CA THR A 400 3.44 -17.18 -2.58
C THR A 400 2.55 -16.36 -1.67
N PRO A 401 1.84 -16.98 -0.71
CA PRO A 401 0.96 -16.21 0.18
C PRO A 401 1.76 -15.38 1.17
N LEU A 402 1.36 -14.12 1.34
CA LEU A 402 1.96 -13.22 2.32
C LEU A 402 1.03 -12.82 3.46
N PHE A 403 -0.28 -12.73 3.21
CA PHE A 403 -1.21 -12.24 4.21
C PHE A 403 -2.61 -12.70 3.86
N VAL A 404 -3.37 -13.12 4.87
CA VAL A 404 -4.75 -13.53 4.68
C VAL A 404 -5.63 -12.70 5.61
N ASP A 405 -6.86 -12.43 5.17
CA ASP A 405 -7.83 -11.68 5.93
C ASP A 405 -9.16 -12.41 5.84
N LYS A 406 -9.66 -12.87 6.98
CA LYS A 406 -10.90 -13.63 7.02
C LYS A 406 -12.10 -12.80 7.46
N ASP A 407 -11.90 -11.52 7.77
CA ASP A 407 -12.95 -10.68 8.33
C ASP A 407 -13.31 -9.51 7.44
N ASP A 408 -12.32 -8.74 7.00
CA ASP A 408 -12.52 -7.51 6.23
C ASP A 408 -11.75 -7.63 4.93
N GLY A 409 -12.47 -7.80 3.82
CA GLY A 409 -11.84 -8.23 2.58
C GLY A 409 -10.83 -7.24 2.03
N LEU A 410 -9.82 -7.77 1.36
CA LEU A 410 -8.85 -6.94 0.65
C LEU A 410 -9.39 -6.57 -0.73
N THR A 411 -9.11 -5.35 -1.16
CA THR A 411 -9.67 -4.82 -2.40
C THR A 411 -8.67 -4.17 -3.33
N ALA A 412 -7.50 -3.77 -2.86
CA ALA A 412 -6.54 -3.05 -3.69
C ALA A 412 -5.14 -3.30 -3.14
N VAL A 413 -4.14 -3.01 -3.97
CA VAL A 413 -2.75 -3.30 -3.63
C VAL A 413 -1.84 -2.32 -4.35
N ALA A 414 -0.65 -2.14 -3.78
CA ALA A 414 0.43 -1.30 -4.29
C ALA A 414 1.64 -1.57 -3.42
N ALA A 415 2.81 -1.09 -3.86
CA ALA A 415 4.04 -1.34 -3.13
C ALA A 415 5.13 -0.41 -3.65
N TYR A 416 6.22 -0.36 -2.90
CA TYR A 416 7.45 0.32 -3.30
C TYR A 416 8.54 -0.13 -2.32
N ASP A 417 9.71 0.48 -2.40
CA ASP A 417 10.79 0.17 -1.48
C ASP A 417 11.22 1.44 -0.75
N TYR A 418 11.69 1.25 0.48
CA TYR A 418 12.30 2.33 1.27
C TYR A 418 13.56 1.79 1.92
N ARG A 419 14.71 2.34 1.52
CA ARG A 419 16.01 2.03 2.10
C ARG A 419 16.18 0.53 2.32
N GLY A 420 16.00 -0.21 1.24
CA GLY A 420 16.06 -1.67 1.27
C GLY A 420 14.75 -2.36 1.59
N ARG A 421 14.12 -1.97 2.69
CA ARG A 421 12.90 -2.64 3.14
C ARG A 421 11.80 -2.53 2.07
N THR A 422 10.92 -3.52 2.03
CA THR A 422 9.93 -3.67 0.97
C THR A 422 8.53 -3.52 1.57
N VAL A 423 7.86 -2.42 1.21
CA VAL A 423 6.59 -2.04 1.84
C VAL A 423 5.45 -2.27 0.85
N VAL A 424 4.34 -2.81 1.36
CA VAL A 424 3.17 -3.12 0.55
C VAL A 424 1.96 -2.48 1.21
N PHE A 425 1.25 -1.63 0.46
CA PHE A 425 0.02 -1.01 0.92
C PHE A 425 -1.17 -1.76 0.31
N ALA A 426 -2.11 -2.17 1.17
CA ALA A 426 -3.24 -2.98 0.75
C ALA A 426 -4.52 -2.39 1.30
N GLY A 427 -5.41 -1.98 0.40
CA GLY A 427 -6.69 -1.43 0.81
C GLY A 427 -7.69 -2.51 1.21
N THR A 428 -8.64 -2.11 2.05
CA THR A 428 -9.64 -3.01 2.59
C THR A 428 -11.03 -2.53 2.23
N ARG A 429 -12.01 -3.43 2.44
CA ARG A 429 -13.40 -3.05 2.22
C ARG A 429 -13.90 -2.10 3.30
N SER A 430 -13.29 -2.14 4.49
CA SER A 430 -13.65 -1.19 5.53
C SER A 430 -13.14 0.23 5.23
N GLY A 431 -12.30 0.39 4.22
CA GLY A 431 -11.75 1.69 3.91
C GLY A 431 -10.39 1.97 4.50
N ARG A 432 -9.75 0.96 5.10
CA ARG A 432 -8.43 1.16 5.67
C ARG A 432 -7.34 0.82 4.65
N ILE A 433 -6.11 1.15 5.00
CA ILE A 433 -4.96 0.85 4.17
C ILE A 433 -3.85 0.25 5.04
N ARG A 434 -3.81 -1.07 5.13
CA ARG A 434 -2.81 -1.72 5.96
C ARG A 434 -1.43 -1.61 5.31
N LYS A 435 -0.44 -1.24 6.11
CA LYS A 435 0.95 -1.16 5.66
C LYS A 435 1.65 -2.47 6.00
N ILE A 436 2.01 -3.22 4.97
CA ILE A 436 2.59 -4.56 5.12
C ILE A 436 4.09 -4.48 4.83
N LEU A 437 4.89 -5.10 5.70
CA LEU A 437 6.32 -5.26 5.46
C LEU A 437 6.59 -6.72 5.15
N VAL A 438 7.22 -6.97 4.00
CA VAL A 438 7.56 -8.32 3.57
C VAL A 438 9.03 -8.58 3.86
N ASP A 439 9.29 -9.64 4.63
CA ASP A 439 10.62 -10.13 4.97
C ASP A 439 10.50 -11.63 5.22
N LEU A 440 11.44 -12.39 4.67
CA LEU A 440 11.42 -13.83 4.89
C LEU A 440 12.17 -14.25 6.14
N SER A 441 13.02 -13.37 6.69
CA SER A 441 13.81 -13.67 7.87
C SER A 441 13.11 -13.31 9.17
N ASN A 442 11.78 -13.26 9.18
CA ASN A 442 11.06 -13.07 10.43
C ASN A 442 11.07 -14.37 11.22
N PRO A 443 11.58 -14.37 12.45
CA PRO A 443 11.76 -15.65 13.17
C PRO A 443 10.46 -16.39 13.42
N GLY A 444 9.30 -15.74 13.28
CA GLY A 444 8.04 -16.42 13.48
C GLY A 444 7.69 -17.42 12.40
N GLY A 445 8.39 -17.37 11.27
CA GLY A 445 8.06 -18.18 10.12
C GLY A 445 7.04 -17.58 9.20
N ARG A 446 6.47 -16.43 9.56
CA ARG A 446 5.55 -15.66 8.73
C ARG A 446 6.33 -14.72 7.82
N PRO A 447 5.86 -14.50 6.59
CA PRO A 447 6.65 -13.72 5.63
C PRO A 447 6.30 -12.24 5.60
N ALA A 448 5.17 -11.86 6.15
CA ALA A 448 4.71 -10.48 6.07
C ALA A 448 4.08 -10.06 7.38
N LEU A 449 4.32 -8.82 7.78
CA LEU A 449 3.78 -8.25 9.01
C LEU A 449 2.97 -7.01 8.69
N ALA A 450 1.74 -6.95 9.19
CA ALA A 450 0.86 -5.79 9.02
C ALA A 450 1.15 -4.83 10.17
N TYR A 451 2.02 -3.85 9.90
CA TYR A 451 2.55 -2.98 10.95
C TYR A 451 1.72 -1.72 11.18
N GLU A 452 0.66 -1.49 10.41
CA GLU A 452 -0.18 -0.32 10.62
C GLU A 452 -1.49 -0.52 9.87
N SER A 453 -2.51 0.26 10.27
CA SER A 453 -3.83 0.15 9.63
C SER A 453 -4.48 1.54 9.66
N VAL A 454 -4.01 2.41 8.78
CA VAL A 454 -4.59 3.74 8.62
C VAL A 454 -5.99 3.61 8.02
N VAL A 455 -6.90 4.49 8.43
CA VAL A 455 -8.26 4.53 7.92
C VAL A 455 -8.41 5.77 7.04
N ALA A 456 -8.66 5.55 5.75
CA ALA A 456 -8.78 6.65 4.79
C ALA A 456 -10.22 7.15 4.66
N GLN A 457 -11.20 6.25 4.80
CA GLN A 457 -12.61 6.61 4.88
C GLN A 457 -13.40 5.40 5.36
N GLU A 458 -13.89 5.44 6.59
CA GLU A 458 -14.62 4.31 7.15
C GLU A 458 -15.85 3.99 6.31
N GLY A 459 -16.05 2.70 6.04
CA GLY A 459 -17.27 2.22 5.40
C GLY A 459 -17.29 2.25 3.88
N SER A 460 -16.15 2.41 3.22
CA SER A 460 -16.14 2.44 1.77
C SER A 460 -14.94 1.66 1.23
N PRO A 461 -15.17 0.64 0.40
CA PRO A 461 -14.06 -0.14 -0.15
C PRO A 461 -13.12 0.74 -0.96
N ILE A 462 -11.81 0.55 -0.73
CA ILE A 462 -10.81 1.22 -1.56
C ILE A 462 -10.92 0.72 -2.98
N LEU A 463 -10.73 1.63 -3.94
CA LEU A 463 -10.74 1.24 -5.33
C LEU A 463 -9.31 0.90 -5.77
N ARG A 464 -9.22 0.04 -6.78
CA ARG A 464 -7.96 -0.65 -7.06
C ARG A 464 -6.89 0.30 -7.54
N ASP A 465 -7.27 1.42 -8.13
CA ASP A 465 -6.31 2.48 -8.40
C ASP A 465 -5.85 3.06 -7.06
N LEU A 466 -4.54 3.03 -6.84
CA LEU A 466 -3.93 3.30 -5.55
C LEU A 466 -2.46 3.63 -5.74
N VAL A 467 -2.16 4.81 -6.27
CA VAL A 467 -0.82 5.12 -6.72
C VAL A 467 -0.18 6.14 -5.78
N LEU A 468 1.14 6.20 -5.83
CA LEU A 468 1.92 7.10 -4.99
C LEU A 468 2.19 8.42 -5.71
N SER A 469 2.46 9.45 -4.92
CA SER A 469 3.04 10.67 -5.43
C SER A 469 4.39 10.36 -6.07
N PRO A 470 4.92 11.28 -6.91
CA PRO A 470 6.26 11.03 -7.47
C PRO A 470 7.35 10.89 -6.42
N ASN A 471 7.32 11.69 -5.37
CA ASN A 471 8.33 11.63 -4.32
C ASN A 471 8.10 10.49 -3.33
N HIS A 472 7.16 9.58 -3.63
CA HIS A 472 6.84 8.44 -2.78
C HIS A 472 6.45 8.87 -1.36
N GLN A 473 6.07 10.14 -1.19
CA GLN A 473 5.78 10.66 0.14
C GLN A 473 4.35 10.34 0.57
N TYR A 474 3.39 10.51 -0.34
CA TYR A 474 1.99 10.23 -0.06
C TYR A 474 1.49 9.16 -1.00
N LEU A 475 0.47 8.44 -0.55
CA LEU A 475 -0.24 7.47 -1.37
C LEU A 475 -1.70 7.86 -1.45
N TYR A 476 -2.17 8.17 -2.67
CA TYR A 476 -3.56 8.59 -2.88
C TYR A 476 -4.44 7.34 -2.88
N ALA A 477 -5.28 7.21 -1.86
CA ALA A 477 -6.17 6.06 -1.69
C ALA A 477 -7.58 6.52 -1.98
N MET A 478 -8.15 6.01 -3.07
CA MET A 478 -9.43 6.48 -3.56
C MET A 478 -10.55 5.51 -3.22
N THR A 479 -11.65 6.05 -2.74
CA THR A 479 -12.91 5.33 -2.56
C THR A 479 -13.91 5.84 -3.58
N GLU A 480 -15.13 5.32 -3.50
CA GLU A 480 -16.20 5.81 -4.38
C GLU A 480 -16.53 7.27 -4.08
N LYS A 481 -16.46 7.66 -2.80
CA LYS A 481 -16.87 8.98 -2.37
C LYS A 481 -15.76 10.02 -2.43
N GLN A 482 -14.50 9.63 -2.27
CA GLN A 482 -13.46 10.64 -2.12
C GLN A 482 -12.07 10.05 -2.39
N VAL A 483 -11.14 10.96 -2.63
CA VAL A 483 -9.71 10.63 -2.66
C VAL A 483 -9.13 11.06 -1.32
N THR A 484 -8.04 10.42 -0.91
CA THR A 484 -7.45 10.65 0.41
C THR A 484 -5.93 10.61 0.30
N ARG A 485 -5.30 11.78 0.34
CA ARG A 485 -3.84 11.84 0.31
C ARG A 485 -3.32 11.29 1.64
N VAL A 486 -2.96 10.00 1.64
CA VAL A 486 -2.50 9.29 2.83
C VAL A 486 -0.98 9.35 2.92
N PRO A 487 -0.42 9.76 4.05
CA PRO A 487 1.05 9.84 4.15
C PRO A 487 1.66 8.46 4.31
N VAL A 488 2.65 8.16 3.46
CA VAL A 488 3.36 6.90 3.56
C VAL A 488 4.03 6.78 4.93
N GLU A 489 4.97 7.69 5.20
CA GLU A 489 5.60 7.79 6.51
C GLU A 489 4.70 8.56 7.48
N SER A 490 4.48 8.00 8.65
CA SER A 490 3.71 8.66 9.70
C SER A 490 4.41 8.46 11.03
N CYS A 491 5.72 8.65 11.04
CA CYS A 491 6.54 8.26 12.19
C CYS A 491 6.26 9.12 13.41
N VAL A 492 5.86 10.38 13.21
CA VAL A 492 5.68 11.29 14.33
C VAL A 492 4.68 10.75 15.35
N GLN A 493 3.78 9.87 14.92
CA GLN A 493 2.71 9.40 15.79
C GLN A 493 3.24 8.63 17.00
N TYR A 494 4.46 8.11 16.94
CA TYR A 494 5.02 7.35 18.04
C TYR A 494 5.75 8.30 18.97
N THR A 495 5.46 8.18 20.27
CA THR A 495 5.83 9.20 21.26
C THR A 495 7.12 8.91 22.00
N SER A 496 7.47 7.65 22.22
CA SER A 496 8.69 7.29 22.92
C SER A 496 9.49 6.29 22.09
N CYS A 497 10.82 6.36 22.25
CA CYS A 497 11.73 5.42 21.61
C CYS A 497 11.24 3.99 21.80
N GLU A 498 10.71 3.70 22.99
CA GLU A 498 10.36 2.34 23.36
C GLU A 498 9.31 1.75 22.43
N LEU A 499 8.45 2.58 21.84
CA LEU A 499 7.44 2.12 20.91
C LEU A 499 7.58 2.69 19.51
N CYS A 500 8.51 3.64 19.29
CA CYS A 500 8.81 4.07 17.93
C CYS A 500 9.49 2.94 17.15
N LEU A 501 10.56 2.38 17.71
CA LEU A 501 11.21 1.24 17.10
C LEU A 501 10.45 -0.06 17.34
N GLY A 502 9.59 -0.10 18.36
CA GLY A 502 8.76 -1.26 18.60
C GLY A 502 7.60 -1.40 17.64
N SER A 503 7.29 -0.36 16.87
CA SER A 503 6.24 -0.47 15.86
C SER A 503 6.67 -1.31 14.67
N ARG A 504 7.98 -1.42 14.43
CA ARG A 504 8.60 -2.12 13.31
C ARG A 504 8.31 -1.45 11.98
N ASP A 505 7.81 -0.22 11.99
CA ASP A 505 7.65 0.58 10.79
C ASP A 505 9.01 0.73 10.11
N PRO A 506 9.15 0.34 8.84
CA PRO A 506 10.48 0.37 8.21
C PRO A 506 11.04 1.77 8.06
N HIS A 507 10.20 2.80 8.01
CA HIS A 507 10.72 4.17 7.86
C HIS A 507 11.13 4.79 9.18
N CYS A 508 10.69 4.23 10.30
CA CYS A 508 10.73 4.92 11.58
C CYS A 508 11.95 4.54 12.41
N GLY A 509 12.67 5.58 12.85
CA GLY A 509 13.65 5.43 13.90
C GLY A 509 13.49 6.57 14.89
N TRP A 510 14.25 6.49 15.98
CA TRP A 510 14.14 7.44 17.08
C TRP A 510 15.30 8.44 17.00
N CYS A 511 14.97 9.70 16.76
CA CYS A 511 15.93 10.79 16.87
C CYS A 511 16.10 11.10 18.34
N VAL A 512 17.14 10.52 18.96
CA VAL A 512 17.21 10.46 20.41
C VAL A 512 17.30 11.86 21.01
N LEU A 513 18.13 12.73 20.43
CA LEU A 513 18.39 14.01 21.06
C LEU A 513 17.28 15.02 20.80
N HIS A 514 16.41 14.80 19.81
CA HIS A 514 15.24 15.65 19.62
C HIS A 514 13.96 15.02 20.20
N SER A 515 14.05 13.82 20.74
CA SER A 515 12.90 13.13 21.33
C SER A 515 11.73 13.08 20.35
N ILE A 516 12.01 12.58 19.14
CA ILE A 516 10.99 12.50 18.10
C ILE A 516 11.25 11.27 17.26
N CYS A 517 10.19 10.70 16.72
CA CYS A 517 10.24 9.51 15.89
C CYS A 517 10.09 9.91 14.42
N SER A 518 11.12 9.67 13.62
CA SER A 518 11.17 10.21 12.26
C SER A 518 11.95 9.29 11.34
N ARG A 519 12.15 9.74 10.11
CA ARG A 519 12.91 9.02 9.10
C ARG A 519 14.39 9.26 9.29
N ARG A 520 15.21 8.32 8.81
CA ARG A 520 16.65 8.40 9.02
C ARG A 520 17.25 9.68 8.44
N ASP A 521 16.53 10.38 7.58
CA ASP A 521 16.99 11.66 7.06
C ASP A 521 16.28 12.86 7.68
N ALA A 522 15.19 12.63 8.42
CA ALA A 522 14.50 13.72 9.08
C ALA A 522 15.13 14.10 10.41
N CYS A 523 15.99 13.24 10.96
CA CYS A 523 16.67 13.49 12.24
C CYS A 523 17.93 14.30 11.97
N GLU A 524 18.02 15.48 12.58
CA GLU A 524 19.18 16.34 12.39
C GLU A 524 20.45 15.63 12.84
N ARG A 525 21.46 15.63 11.96
CA ARG A 525 22.78 15.09 12.26
C ARG A 525 22.72 13.61 12.63
N ALA A 526 21.74 12.89 12.06
CA ALA A 526 21.51 11.49 12.42
C ALA A 526 22.60 10.55 11.95
N ASP A 527 23.53 10.99 11.11
CA ASP A 527 24.65 10.14 10.72
C ASP A 527 25.68 10.02 11.83
N GLU A 528 25.81 11.05 12.66
CA GLU A 528 26.74 11.00 13.78
C GLU A 528 26.28 9.94 14.77
N PRO A 529 27.21 9.36 15.54
CA PRO A 529 26.88 8.20 16.36
C PRO A 529 25.86 8.51 17.45
N GLN A 530 24.98 7.54 17.71
CA GLN A 530 23.97 7.56 18.76
C GLN A 530 22.86 8.58 18.53
N ARG A 531 22.99 9.46 17.53
CA ARG A 531 21.94 10.44 17.30
C ARG A 531 20.66 9.78 16.78
N PHE A 532 20.78 8.65 16.11
CA PHE A 532 19.63 7.93 15.58
C PHE A 532 19.59 6.52 16.16
N ALA A 533 18.38 5.99 16.30
CA ALA A 533 18.16 4.69 16.93
C ALA A 533 17.66 3.71 15.88
N ALA A 534 18.51 2.75 15.49
CA ALA A 534 18.11 1.76 14.50
C ALA A 534 17.43 0.57 15.16
N ASP A 535 18.15 -0.15 16.02
CA ASP A 535 17.62 -1.33 16.69
C ASP A 535 16.95 -0.93 18.00
N LEU A 536 15.89 -1.65 18.35
CA LEU A 536 15.17 -1.39 19.60
C LEU A 536 16.13 -1.42 20.78
N LEU A 537 17.01 -2.43 20.82
CA LEU A 537 17.97 -2.56 21.93
C LEU A 537 19.03 -1.47 21.87
N GLN A 538 18.63 -0.29 21.39
CA GLN A 538 19.52 0.86 21.36
C GLN A 538 18.74 2.11 21.83
N CYS A 539 17.65 1.92 22.54
CA CYS A 539 16.89 3.06 23.08
C CYS A 539 17.66 3.72 24.20
N VAL A 540 17.43 5.03 24.37
CA VAL A 540 18.09 5.78 25.43
C VAL A 540 17.70 5.21 26.79
N GLN A 541 18.69 4.97 27.63
CA GLN A 541 18.48 4.46 28.98
C GLN A 541 19.18 5.34 30.00
N LEU A 542 18.52 5.56 31.13
CA LEU A 542 18.99 6.47 32.16
C LEU A 542 18.89 5.80 33.52
N THR A 543 19.90 6.01 34.35
CA THR A 543 19.92 5.51 35.72
C THR A 543 20.41 6.62 36.65
N VAL A 544 19.93 6.57 37.90
CA VAL A 544 20.23 7.59 38.89
C VAL A 544 20.78 6.93 40.16
N GLN A 545 21.74 7.60 40.78
CA GLN A 545 22.24 7.23 42.11
C GLN A 545 22.20 8.47 42.99
N PRO A 546 21.33 8.53 44.00
CA PRO A 546 20.35 7.52 44.42
C PRO A 546 18.99 7.73 43.77
N ARG A 547 18.13 6.70 43.80
CA ARG A 547 16.80 6.85 43.20
C ARG A 547 15.83 7.58 44.12
N ASN A 548 16.02 7.47 45.43
CA ASN A 548 15.09 8.06 46.39
C ASN A 548 15.85 8.96 47.37
N VAL A 549 15.22 10.06 47.75
CA VAL A 549 15.72 10.95 48.79
C VAL A 549 14.53 11.39 49.64
N SER A 550 14.76 11.53 50.94
CA SER A 550 13.69 11.95 51.83
C SER A 550 13.40 13.43 51.64
N VAL A 551 12.12 13.79 51.77
CA VAL A 551 11.73 15.20 51.66
C VAL A 551 12.48 16.06 52.65
N THR A 552 13.00 15.47 53.73
CA THR A 552 13.79 16.22 54.70
C THR A 552 15.10 16.72 54.09
N MET A 553 15.64 16.03 53.09
CA MET A 553 16.89 16.45 52.49
C MET A 553 16.68 17.57 51.46
N SER A 554 17.76 18.28 51.16
CA SER A 554 17.76 19.37 50.18
C SER A 554 19.01 19.29 49.33
N GLN A 555 18.82 19.46 48.02
CA GLN A 555 19.93 19.63 47.07
C GLN A 555 20.98 18.52 47.21
N VAL A 556 20.51 17.30 47.42
CA VAL A 556 21.45 16.17 47.55
C VAL A 556 22.04 15.87 46.18
N PRO A 557 23.35 15.62 46.08
CA PRO A 557 23.97 15.40 44.76
C PRO A 557 23.52 14.09 44.14
N LEU A 558 22.96 14.18 42.95
CA LEU A 558 22.62 13.01 42.14
C LEU A 558 23.76 12.76 41.15
N VAL A 559 23.90 11.51 40.73
CA VAL A 559 24.79 11.14 39.64
C VAL A 559 24.02 10.25 38.68
N LEU A 560 23.93 10.69 37.42
CA LEU A 560 23.12 10.03 36.41
C LEU A 560 24.04 9.43 35.36
N GLN A 561 23.72 8.21 34.93
CA GLN A 561 24.49 7.51 33.89
C GLN A 561 23.54 7.26 32.71
N ALA A 562 23.82 7.91 31.59
CA ALA A 562 23.00 7.79 30.40
C ALA A 562 23.66 6.85 29.40
N TRP A 563 22.84 6.02 28.75
CA TRP A 563 23.33 5.03 27.82
C TRP A 563 22.62 5.19 26.48
N ASN A 564 23.35 4.97 25.40
CA ASN A 564 22.85 5.12 24.04
C ASN A 564 22.39 6.56 23.78
N VAL A 565 23.33 7.47 24.00
CA VAL A 565 23.11 8.90 23.74
C VAL A 565 24.33 9.47 23.05
N PRO A 566 24.13 10.47 22.20
CA PRO A 566 25.25 11.05 21.47
C PRO A 566 26.17 11.88 22.34
N ASP A 567 27.06 12.64 21.71
CA ASP A 567 27.96 13.52 22.46
C ASP A 567 27.15 14.61 23.12
N LEU A 568 26.92 14.46 24.42
CA LEU A 568 26.13 15.42 25.19
C LEU A 568 26.93 16.65 25.60
N SER A 569 28.19 16.77 25.18
CA SER A 569 29.02 17.92 25.55
C SER A 569 28.40 19.24 25.17
N ALA A 570 27.31 19.26 24.40
CA ALA A 570 26.59 20.50 24.14
C ALA A 570 26.07 21.12 25.43
N GLY A 571 25.79 20.31 26.44
CA GLY A 571 25.24 20.79 27.69
C GLY A 571 23.87 20.22 27.96
N VAL A 572 23.57 19.90 29.22
CA VAL A 572 22.32 19.24 29.56
C VAL A 572 21.88 19.70 30.94
N ASN A 573 20.56 19.86 31.10
CA ASN A 573 19.93 20.24 32.36
C ASN A 573 19.21 19.04 32.96
N CYS A 574 19.11 19.01 34.28
CA CYS A 574 18.27 18.06 35.01
C CYS A 574 16.94 18.75 35.32
N SER A 575 15.86 18.27 34.71
CA SER A 575 14.53 18.82 34.93
C SER A 575 13.68 17.80 35.66
N PHE A 576 13.24 18.14 36.87
CA PHE A 576 12.32 17.30 37.64
C PHE A 576 10.90 17.63 37.19
N GLU A 577 10.38 16.84 36.24
CA GLU A 577 9.15 17.15 35.52
C GLU A 577 9.11 18.63 35.17
N ASP A 578 8.21 19.38 35.80
CA ASP A 578 8.12 20.83 35.59
C ASP A 578 8.17 21.55 36.93
N PHE A 579 9.23 21.27 37.70
CA PHE A 579 9.47 21.94 38.96
C PHE A 579 10.86 22.55 38.89
N THR A 580 11.86 21.93 39.51
CA THR A 580 13.23 22.40 39.42
C THR A 580 13.75 22.24 37.98
N GLU A 581 14.78 23.01 37.66
CA GLU A 581 15.55 22.80 36.44
C GLU A 581 17.01 23.13 36.78
N SER A 582 17.70 22.15 37.36
CA SER A 582 19.12 22.27 37.66
C SER A 582 19.95 22.14 36.40
N GLU A 583 20.99 22.95 36.29
CA GLU A 583 21.96 22.81 35.21
C GLU A 583 23.05 21.86 35.67
N SER A 584 23.50 21.01 34.77
CA SER A 584 24.31 19.85 35.14
C SER A 584 25.74 19.97 34.62
N VAL A 585 26.58 19.07 35.11
CA VAL A 585 27.98 18.98 34.72
C VAL A 585 28.27 17.53 34.36
N LEU A 586 29.27 17.33 33.50
CA LEU A 586 29.53 16.03 32.91
C LEU A 586 30.96 15.59 33.21
N GLU A 587 31.10 14.36 33.70
CA GLU A 587 32.40 13.78 34.03
C GLU A 587 32.40 12.30 33.65
N ASP A 588 33.49 11.84 33.04
CA ASP A 588 33.58 10.47 32.53
C ASP A 588 32.36 10.17 31.67
N GLY A 589 31.61 9.12 32.02
CA GLY A 589 30.38 8.83 31.31
C GLY A 589 29.14 9.11 32.16
N ARG A 590 29.26 10.05 33.09
CA ARG A 590 28.25 10.23 34.12
C ARG A 590 27.86 11.71 34.24
N ILE A 591 26.60 11.94 34.59
CA ILE A 591 26.00 13.27 34.63
C ILE A 591 25.70 13.60 36.09
N HIS A 592 26.43 14.56 36.65
CA HIS A 592 26.16 15.04 38.00
C HIS A 592 25.20 16.22 37.98
N CYS A 593 24.26 16.22 38.91
CA CYS A 593 23.40 17.37 39.14
C CYS A 593 22.77 17.25 40.52
N ARG A 594 21.96 18.24 40.88
CA ARG A 594 21.46 18.41 42.23
C ARG A 594 19.98 18.08 42.31
N SER A 595 19.59 17.43 43.41
CA SER A 595 18.18 17.29 43.74
C SER A 595 17.58 18.67 44.03
N PRO A 596 16.26 18.78 44.01
CA PRO A 596 15.63 20.04 44.43
C PRO A 596 15.88 20.31 45.91
N SER A 597 15.89 21.60 46.25
CA SER A 597 15.89 22.01 47.65
C SER A 597 14.52 21.77 48.26
N ALA A 598 14.49 21.38 49.54
CA ALA A 598 13.23 20.99 50.16
C ALA A 598 12.20 22.10 50.13
N ARG A 599 12.62 23.35 49.97
CA ARG A 599 11.67 24.42 49.71
C ARG A 599 10.93 24.16 48.38
N GLU A 600 11.65 23.65 47.38
CA GLU A 600 11.05 23.29 46.11
C GLU A 600 10.28 21.98 46.20
N VAL A 601 10.79 21.03 47.00
CA VAL A 601 10.17 19.72 47.09
C VAL A 601 8.80 19.80 47.75
N ALA A 602 8.57 20.80 48.61
CA ALA A 602 7.35 20.83 49.42
C ALA A 602 6.07 20.77 48.60
N PRO A 603 5.84 21.65 47.62
CA PRO A 603 4.58 21.53 46.84
C PRO A 603 4.53 20.27 45.99
N ILE A 604 5.68 19.68 45.64
CA ILE A 604 5.69 18.45 44.87
C ILE A 604 5.02 17.33 45.67
N THR A 605 5.43 17.17 46.93
CA THR A 605 4.93 16.10 47.78
C THR A 605 3.78 16.51 48.66
N ARG A 606 3.48 17.82 48.75
CA ARG A 606 2.34 18.28 49.54
C ARG A 606 1.06 17.62 49.05
N GLY A 607 0.67 16.53 49.69
CA GLY A 607 -0.54 15.83 49.31
C GLY A 607 -0.32 14.38 48.94
N GLN A 608 0.72 14.11 48.14
CA GLN A 608 0.93 12.76 47.62
C GLN A 608 1.27 11.75 48.71
N GLY A 609 1.45 12.19 49.96
CA GLY A 609 1.44 11.31 51.10
C GLY A 609 2.65 10.43 51.29
N ASP A 610 2.44 9.11 51.25
CA ASP A 610 3.49 8.15 51.57
C ASP A 610 4.71 8.37 50.70
N GLN A 611 4.52 8.65 49.42
CA GLN A 611 5.61 8.93 48.50
C GLN A 611 5.03 9.48 47.20
N ARG A 612 5.91 10.10 46.41
CA ARG A 612 5.57 10.56 45.07
C ARG A 612 6.71 10.22 44.13
N VAL A 613 6.39 9.57 43.03
CA VAL A 613 7.34 9.35 41.94
C VAL A 613 7.26 10.53 41.00
N VAL A 614 8.42 11.03 40.57
CA VAL A 614 8.48 12.18 39.68
C VAL A 614 9.52 11.88 38.60
N LYS A 615 9.22 12.29 37.38
CA LYS A 615 10.07 11.96 36.24
C LYS A 615 11.28 12.90 36.23
N LEU A 616 12.47 12.32 36.37
CA LEU A 616 13.71 13.10 36.28
C LEU A 616 14.16 13.06 34.82
N TYR A 617 13.93 14.17 34.11
CA TYR A 617 14.24 14.25 32.69
C TYR A 617 15.65 14.81 32.47
N LEU A 618 16.14 14.65 31.24
CA LEU A 618 17.37 15.28 30.78
C LEU A 618 17.03 16.20 29.62
N LYS A 619 17.07 17.51 29.86
CA LYS A 619 16.84 18.52 28.83
C LYS A 619 18.19 18.92 28.24
N SER A 620 18.33 18.75 26.93
CA SER A 620 19.59 19.04 26.26
C SER A 620 19.65 20.50 25.82
N LYS A 621 20.85 21.09 25.94
CA LYS A 621 21.03 22.46 25.47
C LYS A 621 20.94 22.54 23.95
N GLU A 622 21.40 21.50 23.26
CA GLU A 622 21.36 21.49 21.80
C GLU A 622 19.94 21.60 21.28
N THR A 623 19.07 20.67 21.66
CA THR A 623 17.69 20.72 21.22
C THR A 623 16.88 21.74 22.02
N GLY A 624 16.95 21.65 23.34
CA GLY A 624 15.98 22.30 24.21
C GLY A 624 14.83 21.42 24.63
N LYS A 625 14.85 20.14 24.27
CA LYS A 625 13.79 19.21 24.62
C LYS A 625 14.32 18.04 25.44
N LYS A 626 13.45 17.51 26.29
CA LYS A 626 13.79 16.39 27.15
C LYS A 626 13.83 15.10 26.33
N PHE A 627 14.93 14.36 26.46
CA PHE A 627 15.14 13.18 25.63
C PHE A 627 15.24 11.86 26.40
N ALA A 628 15.63 11.90 27.68
CA ALA A 628 15.82 10.70 28.48
C ALA A 628 15.12 10.86 29.82
N SER A 629 14.41 9.83 30.25
CA SER A 629 13.65 9.86 31.48
C SER A 629 14.12 8.75 32.42
N VAL A 630 13.88 8.97 33.71
CA VAL A 630 14.21 7.99 34.75
C VAL A 630 13.38 8.33 35.97
N ASP A 631 12.93 7.28 36.66
CA ASP A 631 12.03 7.46 37.80
C ASP A 631 12.81 7.87 39.04
N PHE A 632 12.34 8.93 39.69
CA PHE A 632 12.92 9.44 40.93
C PHE A 632 11.82 9.54 41.97
N VAL A 633 12.16 9.22 43.21
CA VAL A 633 11.18 9.04 44.28
C VAL A 633 11.50 9.96 45.44
N PHE A 634 10.51 10.72 45.87
CA PHE A 634 10.57 11.47 47.13
C PHE A 634 9.69 10.76 48.15
N TYR A 635 10.26 10.43 49.31
CA TYR A 635 9.48 9.83 50.38
C TYR A 635 9.41 10.77 51.57
N ASN A 636 8.40 10.54 52.41
CA ASN A 636 8.05 11.42 53.52
C ASN A 636 7.71 10.50 54.69
N CYS A 637 8.70 10.24 55.56
CA CYS A 637 8.50 9.29 56.64
C CYS A 637 7.40 9.70 57.61
N SER A 638 7.03 10.99 57.62
CA SER A 638 6.09 11.49 58.63
C SER A 638 4.74 10.78 58.54
N VAL A 639 4.22 10.63 57.32
CA VAL A 639 2.82 10.24 57.15
C VAL A 639 2.52 8.84 57.65
N HIS A 640 3.54 8.01 57.86
CA HIS A 640 3.29 6.65 58.35
C HIS A 640 2.81 6.71 59.80
N GLN A 641 1.81 5.88 60.11
CA GLN A 641 1.04 6.05 61.34
C GLN A 641 1.40 5.06 62.44
N SER A 642 1.79 3.84 62.09
CA SER A 642 2.12 2.83 63.07
C SER A 642 3.62 2.58 63.09
N CYS A 643 4.06 1.78 64.06
CA CYS A 643 5.46 1.39 64.12
C CYS A 643 5.87 0.59 62.89
N LEU A 644 4.93 -0.17 62.33
CA LEU A 644 5.22 -1.00 61.17
C LEU A 644 5.06 -0.24 59.85
N SER A 645 4.10 0.69 59.79
CA SER A 645 4.00 1.61 58.67
C SER A 645 5.35 2.26 58.45
N CYS A 646 6.05 2.52 59.56
CA CYS A 646 7.35 3.17 59.52
C CYS A 646 8.44 2.24 59.02
N VAL A 647 8.66 1.12 59.71
CA VAL A 647 9.84 0.32 59.47
C VAL A 647 9.72 -0.44 58.14
N ASN A 648 8.66 -1.22 58.00
CA ASN A 648 8.49 -2.06 56.82
C ASN A 648 8.32 -1.26 55.54
N GLY A 649 8.14 0.06 55.63
CA GLY A 649 8.14 0.90 54.46
C GLY A 649 9.39 0.66 53.63
N SER A 650 9.29 0.90 52.32
CA SER A 650 10.40 0.58 51.42
C SER A 650 11.65 1.39 51.67
N PHE A 651 11.55 2.47 52.45
CA PHE A 651 12.60 3.46 52.61
C PHE A 651 13.04 3.58 54.06
N PRO A 652 14.26 4.11 54.31
CA PRO A 652 14.75 4.17 55.69
C PRO A 652 14.02 5.18 56.55
N CYS A 653 13.04 4.70 57.31
CA CYS A 653 12.33 5.51 58.30
C CYS A 653 12.52 4.91 59.68
N HIS A 654 12.65 5.77 60.68
CA HIS A 654 12.78 5.35 62.06
C HIS A 654 11.51 5.69 62.83
N TRP A 655 11.09 4.78 63.69
CA TRP A 655 9.90 4.94 64.52
C TRP A 655 10.33 5.37 65.91
N CYS A 656 9.72 6.44 66.43
CA CYS A 656 10.00 6.95 67.78
C CYS A 656 8.91 6.41 68.70
N LYS A 657 9.19 5.30 69.37
CA LYS A 657 8.15 4.60 70.12
C LYS A 657 7.61 5.44 71.29
N TYR A 658 8.37 6.44 71.75
CA TYR A 658 7.92 7.22 72.90
C TYR A 658 7.13 8.46 72.50
N ARG A 659 7.54 9.13 71.41
CA ARG A 659 6.73 10.22 70.88
C ARG A 659 5.61 9.72 69.97
N HIS A 660 5.66 8.44 69.55
CA HIS A 660 4.63 7.83 68.71
C HIS A 660 4.58 8.47 67.33
N VAL A 661 5.75 8.63 66.70
CA VAL A 661 5.87 9.27 65.40
C VAL A 661 6.92 8.54 64.56
N CYS A 662 6.95 8.87 63.28
CA CYS A 662 7.85 8.26 62.30
C CYS A 662 8.60 9.37 61.59
N THR A 663 9.93 9.27 61.55
CA THR A 663 10.71 10.34 60.97
C THR A 663 11.93 9.78 60.25
N HIS A 664 12.66 10.67 59.58
CA HIS A 664 13.92 10.33 58.92
C HIS A 664 15.11 10.58 59.85
N ASN A 665 15.59 11.83 59.88
CA ASN A 665 16.66 12.25 60.78
C ASN A 665 16.25 11.94 62.21
N VAL A 666 16.92 10.97 62.83
CA VAL A 666 16.40 10.28 64.00
C VAL A 666 16.47 11.16 65.24
N ALA A 667 17.02 12.35 65.10
CA ALA A 667 17.08 13.28 66.22
C ALA A 667 15.70 13.73 66.68
N ASP A 668 14.65 13.39 65.92
CA ASP A 668 13.29 13.78 66.28
C ASP A 668 12.71 12.95 67.41
N CYS A 669 13.32 11.80 67.71
CA CYS A 669 12.80 10.93 68.75
C CYS A 669 12.95 11.59 70.13
N ALA A 670 12.11 11.14 71.06
CA ALA A 670 12.15 11.67 72.41
C ALA A 670 13.51 11.42 73.05
N PHE A 671 13.95 10.16 73.02
CA PHE A 671 15.27 9.76 73.46
C PHE A 671 15.74 8.70 72.48
N LEU A 672 17.00 8.25 72.63
CA LEU A 672 17.49 7.27 71.68
C LEU A 672 16.75 5.95 71.82
N GLU A 673 16.48 5.53 73.05
CA GLU A 673 15.87 4.22 73.28
C GLU A 673 14.51 4.08 72.61
N GLY A 674 13.95 5.17 72.09
CA GLY A 674 12.81 5.17 71.20
C GLY A 674 13.14 4.90 69.75
N ARG A 675 14.42 4.87 69.39
CA ARG A 675 14.85 4.46 68.06
C ARG A 675 14.37 3.03 67.80
N VAL A 676 13.40 2.87 66.92
CA VAL A 676 12.95 1.56 66.47
C VAL A 676 13.25 1.45 64.98
N ASN A 677 14.23 0.62 64.65
CA ASN A 677 14.74 0.48 63.29
C ASN A 677 14.04 -0.64 62.54
N VAL A 678 13.78 -1.75 63.23
CA VAL A 678 13.36 -3.00 62.60
C VAL A 678 11.96 -3.34 63.08
N SER A 679 11.24 -4.12 62.28
CA SER A 679 9.82 -4.35 62.51
C SER A 679 9.57 -5.18 63.77
N GLU A 680 10.51 -6.06 64.14
CA GLU A 680 10.28 -6.90 65.31
C GLU A 680 10.45 -6.15 66.63
N ASP A 681 11.17 -5.03 66.63
CA ASP A 681 11.31 -4.22 67.83
C ASP A 681 10.12 -3.31 68.08
N CYS A 682 9.01 -3.50 67.36
CA CYS A 682 7.82 -2.70 67.56
C CYS A 682 7.04 -3.19 68.78
N PRO A 683 6.46 -2.29 69.56
CA PRO A 683 5.52 -2.70 70.60
C PRO A 683 4.11 -2.84 70.07
N GLN A 684 3.16 -3.23 70.92
CA GLN A 684 1.77 -3.39 70.51
C GLN A 684 0.80 -2.88 71.57
#